data_2HTV
#
_entry.id   2HTV
#
_cell.length_a   193.790
_cell.length_b   193.790
_cell.length_c   193.790
_cell.angle_alpha   90.00
_cell.angle_beta   90.00
_cell.angle_gamma   90.00
#
_symmetry.space_group_name_H-M   'P 4 3 2'
#
loop_
_entity.id
_entity.type
_entity.pdbx_description
1 polymer Neuraminidase
2 non-polymer 2-acetamido-2-deoxy-beta-D-glucopyranose
3 non-polymer 'CALCIUM ION'
4 water water
#
_entity_poly.entity_id   1
_entity_poly.type   'polypeptide(L)'
_entity_poly.pdbx_seq_one_letter_code
;VIHYSSGKDLCPVKGWAPLSKDNGIRIGSRGEVFVIREPFISCSINECRTFFLTQGALLNDKHSNGTVKDRSPFRTLMSC
PIGVAPSPSNSRFESVAWSATACSDGPGWLTIGITGPDATAVAVLKYNGIITDTLKSWKGNIMRTQESECVCQDEFCYTL
ITDGPSDAQAFYKILKIKKGKIVSVKDVDAPGFHFEECSCYPSGENVECVCRDNWRGSNRPWIRFNSDLDYQIGYVCSGV
FGDNPRPMDSTGSCNSPINNGKGRYGVKGFSFRYGDGVWIGRTKSLESRSGFEMVWDANGWVSTDKDSNGVQDIIDNDNW
SGYSGSFSIRGETTGRNCTVPCFWVEMIRGQPKEKTIWTSGSSIAFCGVNSDTTGWSWPDGALLPFDIDK
;
_entity_poly.pdbx_strand_id   A,B
#
loop_
_chem_comp.id
_chem_comp.type
_chem_comp.name
_chem_comp.formula
CA non-polymer 'CALCIUM ION' 'Ca 2'
NAG D-saccharide, beta linking 2-acetamido-2-deoxy-beta-D-glucopyranose 'C8 H15 N O6'
#
# COMPACT_ATOMS: atom_id res chain seq x y z
N VAL A 1 -15.86 -43.76 12.36
CA VAL A 1 -15.04 -42.98 13.34
C VAL A 1 -13.58 -42.92 12.85
N ILE A 2 -13.26 -43.82 11.92
CA ILE A 2 -11.92 -43.88 11.36
C ILE A 2 -11.98 -44.16 9.86
N HIS A 3 -10.86 -43.96 9.17
CA HIS A 3 -10.81 -44.17 7.74
C HIS A 3 -10.48 -45.61 7.31
N TYR A 4 -10.82 -45.95 6.07
CA TYR A 4 -10.53 -47.27 5.52
C TYR A 4 -9.03 -47.34 5.31
N SER A 5 -8.37 -48.31 5.92
CA SER A 5 -6.93 -48.42 5.75
C SER A 5 -6.58 -49.43 4.65
N SER A 6 -5.36 -49.33 4.13
CA SER A 6 -4.90 -50.23 3.07
C SER A 6 -4.16 -51.45 3.60
N GLY A 7 -3.55 -52.20 2.68
CA GLY A 7 -2.80 -53.39 3.06
C GLY A 7 -3.65 -54.62 3.32
N LYS A 8 -4.85 -54.64 2.74
CA LYS A 8 -5.78 -55.74 2.92
C LYS A 8 -6.07 -56.45 1.58
N ASP A 9 -6.18 -57.77 1.62
CA ASP A 9 -6.50 -58.53 0.40
C ASP A 9 -7.96 -58.93 0.43
N LEU A 10 -8.50 -59.28 -0.73
CA LEU A 10 -9.90 -59.70 -0.82
C LEU A 10 -10.04 -60.96 -0.01
N CYS A 11 -11.23 -61.18 0.52
CA CYS A 11 -11.49 -62.37 1.32
C CYS A 11 -11.64 -63.61 0.45
N PRO A 12 -11.48 -64.79 1.07
CA PRO A 12 -11.62 -66.06 0.33
C PRO A 12 -13.07 -66.16 -0.16
N VAL A 13 -13.26 -66.66 -1.37
CA VAL A 13 -14.61 -66.77 -1.89
C VAL A 13 -14.87 -68.10 -2.57
N LYS A 14 -15.94 -68.77 -2.15
CA LYS A 14 -16.32 -70.04 -2.74
C LYS A 14 -17.41 -69.73 -3.75
N GLY A 15 -18.44 -69.03 -3.28
CA GLY A 15 -19.56 -68.67 -4.13
C GLY A 15 -20.16 -67.33 -3.73
N TRP A 16 -21.15 -66.86 -4.48
CA TRP A 16 -21.75 -65.56 -4.20
C TRP A 16 -23.15 -65.62 -3.57
N ALA A 17 -23.30 -64.88 -2.48
CA ALA A 17 -24.57 -64.84 -1.74
C ALA A 17 -25.37 -63.57 -2.06
N PRO A 18 -26.68 -63.72 -2.29
CA PRO A 18 -27.53 -62.57 -2.59
C PRO A 18 -27.53 -61.58 -1.42
N LEU A 19 -27.35 -60.30 -1.75
CA LEU A 19 -27.31 -59.25 -0.74
C LEU A 19 -28.57 -58.39 -0.80
N SER A 20 -28.93 -57.98 -2.01
CA SER A 20 -30.11 -57.15 -2.21
C SER A 20 -30.68 -57.25 -3.62
N LYS A 21 -31.97 -56.92 -3.72
CA LYS A 21 -32.72 -56.89 -4.97
C LYS A 21 -33.74 -55.80 -4.67
N ASP A 22 -34.02 -54.92 -5.63
CA ASP A 22 -34.96 -53.83 -5.38
C ASP A 22 -36.32 -53.88 -6.07
N ASN A 23 -36.44 -54.64 -7.17
CA ASN A 23 -37.70 -54.72 -7.90
C ASN A 23 -38.20 -53.32 -8.26
N GLY A 24 -37.26 -52.40 -8.42
CA GLY A 24 -37.62 -51.03 -8.74
C GLY A 24 -38.61 -50.86 -9.88
N ILE A 25 -38.43 -51.60 -10.98
CA ILE A 25 -39.33 -51.48 -12.10
C ILE A 25 -40.70 -52.09 -11.85
N ARG A 26 -40.77 -53.19 -11.11
CA ARG A 26 -42.08 -53.79 -10.81
C ARG A 26 -42.92 -52.81 -9.98
N ILE A 27 -42.27 -52.21 -8.98
CA ILE A 27 -42.91 -51.23 -8.09
C ILE A 27 -43.30 -49.97 -8.89
N GLY A 28 -42.44 -49.60 -9.84
CA GLY A 28 -42.70 -48.42 -10.64
C GLY A 28 -43.94 -48.53 -11.50
N SER A 29 -44.52 -49.73 -11.58
CA SER A 29 -45.73 -49.93 -12.37
C SER A 29 -46.85 -49.04 -11.85
N ARG A 30 -46.83 -48.79 -10.55
CA ARG A 30 -47.83 -47.94 -9.89
C ARG A 30 -47.22 -46.92 -8.93
N GLY A 31 -46.11 -47.27 -8.29
CA GLY A 31 -45.46 -46.38 -7.35
C GLY A 31 -44.60 -45.33 -8.03
N GLU A 32 -44.14 -44.36 -7.25
CA GLU A 32 -43.27 -43.29 -7.76
C GLU A 32 -41.83 -43.75 -7.79
N VAL A 33 -41.32 -44.07 -8.97
CA VAL A 33 -39.94 -44.54 -9.10
C VAL A 33 -39.23 -43.88 -10.28
N PHE A 34 -38.03 -43.36 -10.01
CA PHE A 34 -37.23 -42.69 -11.05
C PHE A 34 -36.81 -43.68 -12.13
N VAL A 35 -36.66 -43.20 -13.36
CA VAL A 35 -36.19 -44.04 -14.44
C VAL A 35 -34.68 -44.03 -14.17
N ILE A 36 -34.13 -45.20 -13.90
CA ILE A 36 -32.73 -45.37 -13.53
C ILE A 36 -31.81 -45.97 -14.60
N ARG A 37 -30.51 -45.88 -14.32
CA ARG A 37 -29.38 -46.42 -15.09
C ARG A 37 -28.20 -46.36 -14.12
N GLU A 38 -27.32 -47.35 -14.18
CA GLU A 38 -26.14 -47.36 -13.29
C GLU A 38 -26.43 -47.52 -11.80
N PRO A 39 -27.32 -48.44 -11.43
CA PRO A 39 -27.56 -48.56 -9.99
C PRO A 39 -26.36 -49.22 -9.31
N PHE A 40 -25.30 -48.46 -9.05
CA PHE A 40 -24.12 -49.02 -8.41
C PHE A 40 -24.05 -48.79 -6.90
N ILE A 41 -23.61 -49.80 -6.16
CA ILE A 41 -23.52 -49.70 -4.71
C ILE A 41 -22.16 -49.22 -4.21
N SER A 42 -22.17 -48.51 -3.09
CA SER A 42 -20.95 -48.02 -2.47
C SER A 42 -21.21 -47.94 -0.97
N CYS A 43 -20.29 -48.45 -0.15
CA CYS A 43 -20.49 -48.44 1.29
C CYS A 43 -19.45 -47.67 2.11
N SER A 44 -19.89 -47.18 3.26
CA SER A 44 -19.05 -46.47 4.21
C SER A 44 -19.02 -47.43 5.38
N ILE A 45 -18.23 -47.14 6.41
CA ILE A 45 -18.15 -48.06 7.53
C ILE A 45 -19.52 -48.46 8.08
N ASN A 46 -20.46 -47.52 8.10
CA ASN A 46 -21.79 -47.81 8.64
C ASN A 46 -22.91 -48.06 7.65
N GLU A 47 -22.72 -47.72 6.39
CA GLU A 47 -23.83 -47.87 5.47
C GLU A 47 -23.45 -48.23 4.05
N CYS A 48 -24.41 -48.83 3.35
CA CYS A 48 -24.25 -49.20 1.95
C CYS A 48 -25.39 -48.48 1.28
N ARG A 49 -25.11 -47.83 0.16
CA ARG A 49 -26.13 -47.10 -0.57
C ARG A 49 -25.99 -47.40 -2.04
N THR A 50 -27.08 -47.29 -2.76
CA THR A 50 -27.07 -47.53 -4.20
C THR A 50 -27.09 -46.16 -4.87
N PHE A 51 -26.11 -45.91 -5.73
CA PHE A 51 -26.09 -44.64 -6.45
C PHE A 51 -26.62 -44.91 -7.86
N PHE A 52 -27.29 -43.94 -8.45
CA PHE A 52 -27.80 -44.13 -9.78
C PHE A 52 -27.96 -42.80 -10.52
N LEU A 53 -28.29 -42.89 -11.80
CA LEU A 53 -28.47 -41.70 -12.63
C LEU A 53 -29.92 -41.58 -13.10
N THR A 54 -30.47 -40.38 -13.00
CA THR A 54 -31.84 -40.15 -13.42
C THR A 54 -31.94 -38.97 -14.34
N GLN A 55 -32.92 -39.03 -15.23
CA GLN A 55 -33.17 -37.96 -16.16
C GLN A 55 -34.15 -37.05 -15.45
N GLY A 56 -34.47 -37.39 -14.21
CA GLY A 56 -35.43 -36.62 -13.45
C GLY A 56 -36.84 -36.91 -13.92
N ALA A 57 -37.09 -38.15 -14.32
CA ALA A 57 -38.40 -38.53 -14.80
C ALA A 57 -38.85 -39.83 -14.13
N LEU A 58 -40.15 -39.97 -13.89
CA LEU A 58 -40.67 -41.17 -13.24
C LEU A 58 -41.26 -42.17 -14.23
N LEU A 59 -41.23 -43.44 -13.84
CA LEU A 59 -41.77 -44.53 -14.66
C LEU A 59 -43.28 -44.34 -14.85
N ASN A 60 -43.73 -44.67 -16.06
CA ASN A 60 -45.14 -44.56 -16.44
C ASN A 60 -45.63 -43.13 -16.61
N ASP A 61 -44.68 -42.23 -16.84
CA ASP A 61 -44.99 -40.81 -17.05
C ASP A 61 -44.38 -40.37 -18.39
N LYS A 62 -45.08 -39.49 -19.09
CA LYS A 62 -44.62 -39.01 -20.40
C LYS A 62 -43.17 -38.56 -20.43
N HIS A 63 -42.69 -37.96 -19.35
CA HIS A 63 -41.31 -37.48 -19.27
C HIS A 63 -40.28 -38.60 -19.33
N SER A 64 -40.75 -39.83 -19.43
CA SER A 64 -39.87 -40.97 -19.51
C SER A 64 -39.72 -41.35 -20.98
N ASN A 65 -40.26 -40.53 -21.87
CA ASN A 65 -40.20 -40.78 -23.32
C ASN A 65 -38.82 -41.21 -23.82
N GLY A 66 -37.77 -40.89 -23.08
CA GLY A 66 -36.44 -41.32 -23.48
C GLY A 66 -35.99 -40.90 -24.88
N THR A 67 -36.65 -39.90 -25.45
CA THR A 67 -36.27 -39.38 -26.76
C THR A 67 -34.99 -38.61 -26.47
N VAL A 68 -34.88 -38.14 -25.23
CA VAL A 68 -33.76 -37.35 -24.71
C VAL A 68 -32.39 -38.04 -24.78
N LYS A 69 -31.34 -37.22 -24.83
CA LYS A 69 -29.94 -37.71 -24.88
C LYS A 69 -29.53 -38.28 -23.53
N ASP A 70 -28.68 -39.30 -23.54
CA ASP A 70 -28.23 -39.86 -22.26
C ASP A 70 -27.57 -38.72 -21.48
N ARG A 71 -26.83 -37.89 -22.20
CA ARG A 71 -26.17 -36.73 -21.59
C ARG A 71 -27.06 -35.50 -21.78
N SER A 72 -27.91 -35.25 -20.78
CA SER A 72 -28.81 -34.10 -20.82
C SER A 72 -28.56 -33.24 -19.60
N PRO A 73 -29.08 -32.00 -19.60
CA PRO A 73 -28.87 -31.14 -18.43
C PRO A 73 -29.73 -31.58 -17.25
N PHE A 74 -30.64 -32.51 -17.48
CA PHE A 74 -31.55 -32.99 -16.44
C PHE A 74 -30.98 -34.13 -15.62
N ARG A 75 -30.02 -34.85 -16.19
CA ARG A 75 -29.45 -35.98 -15.52
C ARG A 75 -28.68 -35.65 -14.22
N THR A 76 -29.04 -36.34 -13.15
CA THR A 76 -28.39 -36.13 -11.85
C THR A 76 -27.99 -37.44 -11.19
N LEU A 77 -27.00 -37.38 -10.31
CA LEU A 77 -26.55 -38.54 -9.57
C LEU A 77 -27.30 -38.52 -8.25
N MET A 78 -27.91 -39.65 -7.90
CA MET A 78 -28.64 -39.73 -6.65
C MET A 78 -28.30 -41.04 -5.95
N SER A 79 -28.77 -41.20 -4.72
CA SER A 79 -28.49 -42.41 -3.97
C SER A 79 -29.62 -42.75 -2.99
N CYS A 80 -29.61 -43.99 -2.52
CA CYS A 80 -30.63 -44.43 -1.60
C CYS A 80 -30.18 -45.71 -0.91
N PRO A 81 -30.87 -46.11 0.16
CA PRO A 81 -30.46 -47.34 0.84
C PRO A 81 -30.58 -48.48 -0.16
N ILE A 82 -29.73 -49.49 -0.05
CA ILE A 82 -29.83 -50.61 -1.00
C ILE A 82 -31.13 -51.39 -0.80
N GLY A 83 -31.65 -51.98 -1.89
CA GLY A 83 -32.85 -52.77 -1.78
C GLY A 83 -34.16 -52.02 -1.94
N VAL A 84 -34.16 -50.73 -1.68
CA VAL A 84 -35.39 -49.96 -1.82
C VAL A 84 -35.53 -49.37 -3.21
N ALA A 85 -36.77 -49.14 -3.63
CA ALA A 85 -37.04 -48.57 -4.94
C ALA A 85 -36.46 -47.17 -5.00
N PRO A 86 -35.77 -46.84 -6.10
CA PRO A 86 -35.18 -45.50 -6.23
C PRO A 86 -36.26 -44.43 -6.45
N SER A 87 -37.15 -44.30 -5.48
CA SER A 87 -38.24 -43.32 -5.56
C SER A 87 -37.78 -41.93 -5.16
N PRO A 88 -38.57 -40.91 -5.51
CA PRO A 88 -38.15 -39.56 -5.11
C PRO A 88 -38.28 -39.38 -3.61
N SER A 89 -39.05 -40.24 -2.97
CA SER A 89 -39.26 -40.18 -1.52
C SER A 89 -38.13 -40.77 -0.70
N ASN A 90 -37.38 -41.72 -1.25
CA ASN A 90 -36.28 -42.25 -0.45
C ASN A 90 -34.90 -42.14 -1.09
N SER A 91 -34.78 -41.20 -2.04
CA SER A 91 -33.53 -40.93 -2.73
C SER A 91 -32.96 -39.57 -2.33
N ARG A 92 -31.66 -39.53 -2.12
CA ARG A 92 -30.94 -38.32 -1.73
C ARG A 92 -30.30 -37.73 -3.00
N PHE A 93 -30.10 -36.42 -3.03
CA PHE A 93 -29.47 -35.83 -4.21
C PHE A 93 -27.96 -35.86 -4.06
N GLU A 94 -27.25 -36.20 -5.13
CA GLU A 94 -25.80 -36.25 -5.05
C GLU A 94 -25.15 -35.16 -5.89
N SER A 95 -25.50 -35.08 -7.16
CA SER A 95 -24.92 -34.06 -8.02
C SER A 95 -25.47 -34.10 -9.42
N VAL A 96 -25.38 -32.97 -10.12
CA VAL A 96 -25.85 -32.88 -11.49
C VAL A 96 -24.82 -33.62 -12.35
N ALA A 97 -25.24 -34.68 -13.03
CA ALA A 97 -24.28 -35.43 -13.85
C ALA A 97 -24.83 -36.50 -14.78
N TRP A 98 -24.17 -36.68 -15.93
CA TRP A 98 -24.57 -37.72 -16.88
C TRP A 98 -23.50 -38.80 -16.94
N SER A 99 -22.65 -38.80 -15.92
CA SER A 99 -21.55 -39.76 -15.74
C SER A 99 -20.93 -39.47 -14.38
N ALA A 100 -20.69 -40.50 -13.58
CA ALA A 100 -20.15 -40.27 -12.26
C ALA A 100 -19.53 -41.47 -11.57
N THR A 101 -19.10 -41.21 -10.34
CA THR A 101 -18.52 -42.23 -9.48
C THR A 101 -18.64 -41.70 -8.05
N ALA A 102 -18.61 -42.61 -7.08
CA ALA A 102 -18.74 -42.24 -5.69
C ALA A 102 -18.08 -43.35 -4.87
N CYS A 103 -17.78 -43.04 -3.62
CA CYS A 103 -17.17 -44.01 -2.73
C CYS A 103 -16.92 -43.35 -1.36
N SER A 104 -16.68 -44.16 -0.35
CA SER A 104 -16.43 -43.67 1.00
C SER A 104 -14.98 -43.92 1.36
N ASP A 105 -14.37 -42.99 2.09
CA ASP A 105 -12.99 -43.15 2.52
C ASP A 105 -13.07 -43.76 3.92
N GLY A 106 -14.30 -44.01 4.34
CA GLY A 106 -14.54 -44.59 5.65
C GLY A 106 -15.64 -43.81 6.36
N PRO A 107 -15.32 -42.61 6.86
CA PRO A 107 -16.27 -41.74 7.57
C PRO A 107 -17.11 -40.81 6.72
N GLY A 108 -16.75 -40.65 5.45
CA GLY A 108 -17.50 -39.74 4.60
C GLY A 108 -17.70 -40.21 3.16
N TRP A 109 -18.38 -39.40 2.36
CA TRP A 109 -18.66 -39.74 0.98
C TRP A 109 -18.02 -38.81 -0.05
N LEU A 110 -17.42 -39.43 -1.06
CA LEU A 110 -16.80 -38.68 -2.15
C LEU A 110 -17.68 -38.98 -3.37
N THR A 111 -18.14 -37.91 -4.02
CA THR A 111 -18.96 -38.05 -5.21
C THR A 111 -18.33 -37.21 -6.29
N ILE A 112 -18.36 -37.71 -7.51
CA ILE A 112 -17.80 -36.99 -8.65
C ILE A 112 -18.84 -37.00 -9.77
N GLY A 113 -19.41 -35.85 -10.09
CA GLY A 113 -20.39 -35.80 -11.16
C GLY A 113 -19.84 -35.04 -12.35
N ILE A 114 -19.96 -35.62 -13.53
CA ILE A 114 -19.47 -34.96 -14.75
C ILE A 114 -20.66 -34.47 -15.56
N THR A 115 -20.74 -33.16 -15.76
CA THR A 115 -21.84 -32.61 -16.53
C THR A 115 -21.37 -31.54 -17.51
N GLY A 116 -22.30 -31.00 -18.29
CA GLY A 116 -21.95 -29.97 -19.27
C GLY A 116 -21.95 -30.47 -20.70
N PRO A 117 -21.57 -29.60 -21.66
CA PRO A 117 -21.53 -29.98 -23.07
C PRO A 117 -20.40 -30.99 -23.33
N ASP A 118 -20.50 -31.74 -24.43
CA ASP A 118 -19.52 -32.77 -24.78
C ASP A 118 -18.09 -32.27 -24.95
N ALA A 119 -17.96 -31.12 -25.61
CA ALA A 119 -16.64 -30.55 -25.88
C ALA A 119 -15.92 -30.03 -24.66
N THR A 120 -16.67 -29.65 -23.62
CA THR A 120 -16.06 -29.08 -22.42
C THR A 120 -16.62 -29.61 -21.09
N ALA A 121 -16.76 -30.93 -20.99
CA ALA A 121 -17.29 -31.56 -19.78
C ALA A 121 -16.47 -31.28 -18.53
N VAL A 122 -17.15 -31.14 -17.39
CA VAL A 122 -16.47 -30.87 -16.14
C VAL A 122 -16.88 -31.79 -15.00
N ALA A 123 -15.90 -32.29 -14.27
CA ALA A 123 -16.19 -33.16 -13.14
C ALA A 123 -16.23 -32.30 -11.88
N VAL A 124 -17.33 -32.36 -11.15
CA VAL A 124 -17.41 -31.60 -9.92
C VAL A 124 -17.25 -32.55 -8.73
N LEU A 125 -16.14 -32.37 -8.02
CA LEU A 125 -15.81 -33.20 -6.87
C LEU A 125 -16.48 -32.64 -5.61
N LYS A 126 -16.98 -33.53 -4.77
CA LYS A 126 -17.63 -33.12 -3.53
C LYS A 126 -17.32 -34.11 -2.41
N TYR A 127 -17.07 -33.58 -1.22
CA TYR A 127 -16.87 -34.45 -0.07
C TYR A 127 -18.05 -34.11 0.86
N ASN A 128 -18.91 -35.09 1.06
CA ASN A 128 -20.09 -34.92 1.89
C ASN A 128 -20.96 -33.77 1.37
N GLY A 129 -21.30 -33.84 0.09
CA GLY A 129 -22.17 -32.84 -0.52
C GLY A 129 -21.62 -31.45 -0.76
N ILE A 130 -20.35 -31.23 -0.41
CA ILE A 130 -19.74 -29.91 -0.60
C ILE A 130 -18.70 -29.91 -1.70
N ILE A 131 -18.92 -29.10 -2.73
CA ILE A 131 -17.97 -29.02 -3.83
C ILE A 131 -16.57 -28.75 -3.29
N THR A 132 -15.67 -29.69 -3.53
CA THR A 132 -14.31 -29.59 -3.06
C THR A 132 -13.33 -29.28 -4.19
N ASP A 133 -13.64 -29.74 -5.40
CA ASP A 133 -12.74 -29.52 -6.53
C ASP A 133 -13.48 -29.69 -7.86
N THR A 134 -12.74 -29.52 -8.97
CA THR A 134 -13.29 -29.70 -10.31
C THR A 134 -12.17 -30.03 -11.31
N LEU A 135 -12.52 -30.80 -12.33
CA LEU A 135 -11.58 -31.18 -13.40
C LEU A 135 -12.35 -31.00 -14.71
N LYS A 136 -11.73 -30.35 -15.68
CA LYS A 136 -12.39 -30.12 -16.96
C LYS A 136 -11.84 -31.04 -18.05
N SER A 137 -12.62 -31.21 -19.12
CA SER A 137 -12.23 -32.05 -20.24
C SER A 137 -10.89 -31.58 -20.79
N TRP A 138 -9.89 -32.47 -20.75
CA TRP A 138 -8.56 -32.13 -21.24
C TRP A 138 -8.34 -32.60 -22.67
N LYS A 139 -9.36 -33.20 -23.26
CA LYS A 139 -9.25 -33.69 -24.62
C LYS A 139 -10.44 -33.20 -25.45
N GLY A 140 -11.46 -32.69 -24.77
CA GLY A 140 -12.64 -32.16 -25.45
C GLY A 140 -13.56 -33.15 -26.13
N ASN A 141 -13.60 -34.40 -25.67
CA ASN A 141 -14.46 -35.39 -26.29
C ASN A 141 -15.19 -36.27 -25.28
N ILE A 142 -16.35 -35.80 -24.82
CA ILE A 142 -17.16 -36.53 -23.85
C ILE A 142 -16.37 -37.12 -22.66
N MET A 143 -15.86 -36.25 -21.77
CA MET A 143 -15.12 -36.76 -20.62
C MET A 143 -16.08 -37.57 -19.77
N ARG A 144 -15.63 -38.73 -19.29
CA ARG A 144 -16.49 -39.63 -18.54
C ARG A 144 -15.73 -40.47 -17.52
N THR A 145 -16.44 -41.25 -16.72
CA THR A 145 -15.77 -42.05 -15.71
C THR A 145 -16.41 -43.42 -15.36
N GLN A 146 -15.97 -44.01 -14.25
CA GLN A 146 -16.40 -45.33 -13.77
C GLN A 146 -17.85 -45.81 -13.86
N GLU A 147 -18.79 -45.02 -13.35
CA GLU A 147 -20.22 -45.38 -13.34
C GLU A 147 -20.29 -46.58 -12.39
N SER A 148 -19.30 -46.61 -11.49
CA SER A 148 -19.13 -47.64 -10.46
C SER A 148 -18.36 -46.92 -9.35
N GLU A 149 -18.33 -47.48 -8.15
CA GLU A 149 -17.63 -46.80 -7.05
C GLU A 149 -16.10 -46.67 -7.22
N CYS A 150 -15.55 -45.55 -6.75
CA CYS A 150 -14.12 -45.32 -6.78
C CYS A 150 -13.56 -46.05 -5.56
N VAL A 151 -12.24 -46.01 -5.33
CA VAL A 151 -11.67 -46.75 -4.20
C VAL A 151 -10.82 -45.88 -3.28
N CYS A 152 -11.03 -46.04 -1.96
CA CYS A 152 -10.29 -45.25 -0.98
C CYS A 152 -9.50 -46.07 0.05
N GLN A 153 -8.30 -45.62 0.35
CA GLN A 153 -7.45 -46.27 1.33
C GLN A 153 -6.64 -45.18 1.98
N ASP A 154 -6.29 -45.35 3.24
CA ASP A 154 -5.50 -44.36 3.95
C ASP A 154 -5.90 -42.91 3.61
N GLU A 155 -7.18 -42.59 3.73
CA GLU A 155 -7.70 -41.24 3.45
C GLU A 155 -7.66 -40.82 1.97
N PHE A 156 -6.94 -41.56 1.14
CA PHE A 156 -6.87 -41.22 -0.29
C PHE A 156 -7.83 -42.04 -1.14
N CYS A 157 -8.53 -41.34 -2.04
CA CYS A 157 -9.47 -42.00 -2.96
C CYS A 157 -8.98 -41.89 -4.40
N TYR A 158 -9.10 -42.98 -5.14
CA TYR A 158 -8.63 -43.01 -6.51
C TYR A 158 -9.72 -43.38 -7.48
N THR A 159 -9.60 -42.87 -8.71
CA THR A 159 -10.55 -43.14 -9.78
C THR A 159 -9.85 -43.06 -11.13
N LEU A 160 -10.56 -43.41 -12.19
CA LEU A 160 -10.02 -43.36 -13.56
C LEU A 160 -11.00 -42.51 -14.38
N ILE A 161 -10.47 -41.71 -15.30
CA ILE A 161 -11.31 -40.86 -16.15
C ILE A 161 -10.86 -40.92 -17.62
N THR A 162 -11.82 -40.97 -18.53
CA THR A 162 -11.53 -41.06 -19.95
C THR A 162 -12.06 -39.87 -20.75
N ASP A 163 -11.32 -39.51 -21.79
CA ASP A 163 -11.71 -38.40 -22.64
C ASP A 163 -11.19 -38.74 -24.03
N GLY A 164 -12.08 -38.72 -25.02
CA GLY A 164 -11.68 -39.05 -26.37
C GLY A 164 -12.68 -40.00 -27.03
N PRO A 165 -12.39 -40.48 -28.24
CA PRO A 165 -13.28 -41.37 -28.97
C PRO A 165 -13.56 -42.76 -28.39
N SER A 166 -14.83 -43.17 -28.48
CA SER A 166 -15.28 -44.48 -28.03
C SER A 166 -15.11 -45.37 -29.24
N ASP A 167 -14.66 -44.71 -30.31
CA ASP A 167 -14.39 -45.27 -31.64
C ASP A 167 -13.02 -45.92 -31.77
N ALA A 168 -12.04 -45.32 -31.12
CA ALA A 168 -10.66 -45.79 -31.16
C ALA A 168 -9.86 -45.29 -29.95
N GLN A 169 -8.57 -45.06 -30.15
CA GLN A 169 -7.71 -44.56 -29.07
C GLN A 169 -8.38 -43.46 -28.29
N ALA A 170 -8.38 -43.63 -26.96
CA ALA A 170 -8.94 -42.63 -26.06
C ALA A 170 -7.82 -42.22 -25.10
N PHE A 171 -8.07 -41.21 -24.28
CA PHE A 171 -7.04 -40.77 -23.34
C PHE A 171 -7.49 -40.93 -21.89
N TYR A 172 -6.60 -41.45 -21.06
CA TYR A 172 -6.94 -41.72 -19.68
C TYR A 172 -6.11 -41.07 -18.57
N LYS A 173 -6.76 -40.91 -17.41
CA LYS A 173 -6.12 -40.32 -16.24
C LYS A 173 -6.57 -40.99 -14.95
N ILE A 174 -5.63 -41.13 -14.03
CA ILE A 174 -5.88 -41.72 -12.71
C ILE A 174 -5.85 -40.53 -11.75
N LEU A 175 -6.75 -40.49 -10.78
CA LEU A 175 -6.72 -39.38 -9.83
C LEU A 175 -6.46 -39.83 -8.42
N LYS A 176 -5.91 -38.93 -7.62
CA LYS A 176 -5.65 -39.20 -6.21
C LYS A 176 -6.39 -38.07 -5.50
N ILE A 177 -7.38 -38.43 -4.70
CA ILE A 177 -8.20 -37.45 -4.00
C ILE A 177 -8.19 -37.58 -2.47
N LYS A 178 -8.04 -36.46 -1.78
CA LYS A 178 -8.01 -36.43 -0.33
C LYS A 178 -9.11 -35.47 0.16
N LYS A 179 -10.14 -36.03 0.78
CA LYS A 179 -11.28 -35.23 1.28
C LYS A 179 -11.88 -34.34 0.18
N GLY A 180 -11.98 -34.89 -1.04
CA GLY A 180 -12.55 -34.13 -2.14
C GLY A 180 -11.54 -33.29 -2.89
N LYS A 181 -10.34 -33.15 -2.34
CA LYS A 181 -9.30 -32.37 -2.99
C LYS A 181 -8.45 -33.26 -3.89
N ILE A 182 -8.08 -32.73 -5.06
CA ILE A 182 -7.25 -33.50 -5.96
C ILE A 182 -5.79 -33.26 -5.63
N VAL A 183 -5.15 -34.31 -5.13
CA VAL A 183 -3.74 -34.28 -4.80
C VAL A 183 -3.08 -35.08 -5.91
N SER A 184 -2.58 -34.40 -6.92
CA SER A 184 -1.93 -35.07 -8.05
C SER A 184 -2.85 -35.99 -8.87
N VAL A 185 -2.52 -36.13 -10.15
CA VAL A 185 -3.25 -36.94 -11.12
C VAL A 185 -2.24 -37.45 -12.15
N LYS A 186 -2.41 -38.68 -12.63
CA LYS A 186 -1.49 -39.21 -13.62
C LYS A 186 -2.09 -39.51 -14.98
N ASP A 187 -1.30 -39.29 -16.03
CA ASP A 187 -1.71 -39.57 -17.40
C ASP A 187 -1.38 -41.03 -17.66
N VAL A 188 -2.32 -41.76 -18.24
CA VAL A 188 -2.06 -43.16 -18.52
C VAL A 188 -1.75 -43.36 -19.99
N ASP A 189 -0.53 -43.80 -20.26
CA ASP A 189 -0.11 -44.05 -21.63
C ASP A 189 -0.44 -45.51 -21.94
N ALA A 190 -1.54 -45.74 -22.65
CA ALA A 190 -1.94 -47.11 -22.99
C ALA A 190 -2.27 -47.27 -24.47
N PRO A 191 -1.28 -47.04 -25.35
CA PRO A 191 -1.51 -47.17 -26.78
C PRO A 191 -2.00 -48.58 -27.14
N GLY A 192 -3.12 -48.64 -27.85
CA GLY A 192 -3.68 -49.93 -28.23
C GLY A 192 -4.81 -50.26 -27.28
N PHE A 193 -4.72 -49.72 -26.07
CA PHE A 193 -5.71 -49.93 -25.02
C PHE A 193 -6.89 -48.96 -25.07
N HIS A 194 -8.04 -49.43 -24.60
CA HIS A 194 -9.24 -48.62 -24.53
C HIS A 194 -9.93 -48.87 -23.14
N PHE A 195 -9.84 -47.87 -22.27
CA PHE A 195 -10.44 -47.97 -20.95
C PHE A 195 -11.70 -47.12 -20.83
N GLU A 196 -12.75 -47.73 -20.29
CA GLU A 196 -14.01 -47.05 -20.05
C GLU A 196 -14.67 -47.73 -18.87
N GLU A 197 -15.57 -47.01 -18.20
CA GLU A 197 -16.32 -47.53 -17.08
C GLU A 197 -15.67 -48.63 -16.23
N CYS A 198 -14.53 -48.30 -15.61
CA CYS A 198 -13.80 -49.26 -14.77
C CYS A 198 -14.48 -49.69 -13.49
N SER A 199 -14.37 -50.98 -13.18
CA SER A 199 -14.92 -51.53 -11.95
C SER A 199 -13.70 -51.81 -11.08
N CYS A 200 -13.44 -50.91 -10.15
CA CYS A 200 -12.29 -51.01 -9.29
C CYS A 200 -12.52 -51.59 -7.91
N TYR A 201 -11.41 -51.87 -7.23
CA TYR A 201 -11.42 -52.41 -5.87
C TYR A 201 -10.02 -52.33 -5.29
N PRO A 202 -9.89 -52.43 -3.97
CA PRO A 202 -8.57 -52.37 -3.35
C PRO A 202 -7.98 -53.75 -3.12
N SER A 203 -6.66 -53.85 -3.24
CA SER A 203 -5.98 -55.13 -3.00
C SER A 203 -4.58 -54.85 -2.48
N GLY A 204 -4.46 -54.82 -1.15
CA GLY A 204 -3.20 -54.58 -0.48
C GLY A 204 -2.35 -53.45 -1.02
N GLU A 205 -2.55 -52.24 -0.53
CA GLU A 205 -1.73 -51.12 -0.98
C GLU A 205 -1.85 -50.74 -2.45
N ASN A 206 -2.66 -51.47 -3.20
CA ASN A 206 -2.87 -51.17 -4.61
C ASN A 206 -4.35 -51.08 -4.90
N VAL A 207 -4.66 -50.61 -6.10
CA VAL A 207 -6.04 -50.48 -6.55
C VAL A 207 -6.15 -51.15 -7.91
N GLU A 208 -6.94 -52.21 -7.99
CA GLU A 208 -7.14 -52.93 -9.25
C GLU A 208 -8.48 -52.61 -9.88
N CYS A 209 -8.47 -52.34 -11.19
CA CYS A 209 -9.68 -52.02 -11.93
C CYS A 209 -9.76 -52.87 -13.18
N VAL A 210 -10.93 -53.45 -13.43
CA VAL A 210 -11.17 -54.23 -14.63
C VAL A 210 -12.21 -53.40 -15.35
N CYS A 211 -11.86 -52.94 -16.54
CA CYS A 211 -12.75 -52.05 -17.27
C CYS A 211 -13.38 -52.58 -18.55
N ARG A 212 -13.78 -51.63 -19.40
CA ARG A 212 -14.44 -51.90 -20.68
C ARG A 212 -13.78 -51.31 -21.92
N ASP A 213 -13.47 -52.19 -22.88
CA ASP A 213 -12.88 -51.74 -24.13
C ASP A 213 -14.03 -51.67 -25.14
N ASN A 214 -14.29 -50.46 -25.64
CA ASN A 214 -15.36 -50.24 -26.61
C ASN A 214 -14.82 -50.18 -28.04
N TRP A 215 -13.50 -50.19 -28.16
CA TRP A 215 -12.84 -50.09 -29.45
C TRP A 215 -12.79 -51.40 -30.24
N ARG A 216 -12.10 -52.39 -29.70
CA ARG A 216 -11.99 -53.68 -30.40
C ARG A 216 -11.62 -54.86 -29.50
N GLY A 217 -11.96 -54.79 -28.22
CA GLY A 217 -11.63 -55.89 -27.33
C GLY A 217 -12.84 -56.61 -26.75
N SER A 218 -12.91 -57.92 -26.97
CA SER A 218 -14.01 -58.71 -26.42
C SER A 218 -13.62 -59.13 -25.02
N ASN A 219 -12.31 -59.04 -24.75
CA ASN A 219 -11.79 -59.37 -23.45
C ASN A 219 -11.69 -58.02 -22.76
N ARG A 220 -11.49 -58.02 -21.45
CA ARG A 220 -11.42 -56.77 -20.73
C ARG A 220 -10.02 -56.30 -20.33
N PRO A 221 -9.79 -54.99 -20.43
CA PRO A 221 -8.51 -54.39 -20.07
C PRO A 221 -8.53 -54.10 -18.58
N TRP A 222 -7.38 -54.17 -17.95
CA TRP A 222 -7.31 -53.88 -16.53
C TRP A 222 -6.12 -52.97 -16.28
N ILE A 223 -6.10 -52.42 -15.07
CA ILE A 223 -5.03 -51.54 -14.64
C ILE A 223 -4.95 -51.62 -13.13
N ARG A 224 -3.73 -51.56 -12.61
CA ARG A 224 -3.48 -51.61 -11.18
C ARG A 224 -2.57 -50.43 -10.87
N PHE A 225 -2.79 -49.74 -9.76
CA PHE A 225 -1.92 -48.61 -9.45
C PHE A 225 -1.58 -48.29 -8.00
N ASN A 226 -0.46 -47.58 -7.87
CA ASN A 226 0.13 -47.11 -6.62
C ASN A 226 -0.59 -45.92 -6.05
N SER A 227 -0.27 -45.62 -4.80
CA SER A 227 -0.79 -44.45 -4.12
C SER A 227 0.06 -43.28 -4.66
N ASP A 228 1.10 -43.62 -5.42
CA ASP A 228 1.99 -42.64 -6.06
C ASP A 228 1.52 -42.51 -7.50
N LEU A 229 0.69 -43.48 -7.90
CA LEU A 229 0.13 -43.57 -9.24
C LEU A 229 1.00 -44.27 -10.26
N ASP A 230 1.92 -45.11 -9.78
CA ASP A 230 2.76 -45.90 -10.67
C ASP A 230 1.77 -46.99 -11.10
N TYR A 231 1.69 -47.27 -12.39
CA TYR A 231 0.71 -48.24 -12.83
C TYR A 231 1.21 -49.33 -13.78
N GLN A 232 0.32 -50.30 -14.00
CA GLN A 232 0.55 -51.43 -14.89
C GLN A 232 -0.80 -51.73 -15.54
N ILE A 233 -0.76 -52.12 -16.81
CA ILE A 233 -1.98 -52.40 -17.53
C ILE A 233 -1.88 -53.72 -18.28
N GLY A 234 -2.97 -54.08 -18.93
CA GLY A 234 -3.03 -55.31 -19.70
C GLY A 234 -4.47 -55.73 -19.76
N TYR A 235 -4.74 -56.81 -20.48
CA TYR A 235 -6.10 -57.33 -20.57
C TYR A 235 -6.14 -58.60 -19.73
N VAL A 236 -7.33 -59.05 -19.40
CA VAL A 236 -7.44 -60.25 -18.61
C VAL A 236 -7.07 -61.44 -19.49
N CYS A 237 -5.97 -62.09 -19.14
CA CYS A 237 -5.45 -63.25 -19.86
C CYS A 237 -6.49 -64.25 -20.41
N SER A 238 -7.33 -64.74 -19.50
CA SER A 238 -8.37 -65.73 -19.78
C SER A 238 -9.13 -65.74 -21.10
N GLY A 239 -9.40 -66.96 -21.57
CA GLY A 239 -10.14 -67.17 -22.80
C GLY A 239 -11.63 -67.06 -22.52
N VAL A 240 -11.99 -67.04 -21.23
CA VAL A 240 -13.38 -66.89 -20.85
C VAL A 240 -13.63 -65.39 -20.96
N PHE A 241 -13.86 -64.93 -22.18
CA PHE A 241 -14.09 -63.53 -22.46
C PHE A 241 -15.20 -63.01 -21.57
N GLY A 242 -15.03 -61.78 -21.06
CA GLY A 242 -16.03 -61.22 -20.15
C GLY A 242 -16.77 -59.97 -20.57
N ASP A 243 -16.76 -59.65 -21.85
CA ASP A 243 -17.45 -58.45 -22.31
C ASP A 243 -18.67 -58.88 -23.09
N ASN A 244 -19.37 -57.90 -23.67
CA ASN A 244 -20.56 -58.17 -24.46
C ASN A 244 -20.77 -57.00 -25.42
N PRO A 245 -20.82 -57.27 -26.73
CA PRO A 245 -20.69 -58.58 -27.39
C PRO A 245 -19.31 -59.23 -27.21
N ARG A 246 -19.17 -60.46 -27.69
CA ARG A 246 -17.93 -61.22 -27.60
C ARG A 246 -18.03 -62.50 -28.44
N PRO A 247 -16.89 -63.03 -28.94
CA PRO A 247 -17.00 -64.26 -29.74
C PRO A 247 -17.09 -65.42 -28.75
N MET A 248 -17.12 -66.64 -29.26
CA MET A 248 -17.18 -67.78 -28.36
C MET A 248 -15.82 -67.82 -27.66
N ASP A 249 -15.74 -68.50 -26.52
CA ASP A 249 -14.49 -68.59 -25.80
C ASP A 249 -13.38 -69.20 -26.65
N SER A 250 -12.30 -68.46 -26.84
CA SER A 250 -11.15 -68.90 -27.62
C SER A 250 -9.95 -68.69 -26.73
N THR A 251 -8.76 -68.70 -27.33
CA THR A 251 -7.53 -68.47 -26.59
C THR A 251 -7.48 -66.97 -26.36
N GLY A 252 -7.32 -66.57 -25.11
CA GLY A 252 -7.27 -65.16 -24.80
C GLY A 252 -5.94 -64.47 -25.01
N SER A 253 -5.87 -63.21 -24.57
CA SER A 253 -4.69 -62.38 -24.68
C SER A 253 -4.53 -61.51 -23.42
N CYS A 254 -3.37 -61.63 -22.78
CA CYS A 254 -3.09 -60.88 -21.55
C CYS A 254 -2.65 -59.45 -21.76
N ASN A 255 -2.31 -59.07 -22.98
CA ASN A 255 -1.83 -57.71 -23.21
C ASN A 255 -2.41 -56.95 -24.39
N SER A 256 -3.39 -57.53 -25.05
CA SER A 256 -4.00 -56.85 -26.18
C SER A 256 -5.47 -57.23 -26.33
N PRO A 257 -6.23 -56.38 -27.05
CA PRO A 257 -7.65 -56.63 -27.25
C PRO A 257 -7.90 -57.73 -28.28
N ILE A 258 -8.78 -58.66 -27.96
CA ILE A 258 -9.16 -59.72 -28.87
C ILE A 258 -10.47 -59.26 -29.50
N ASN A 259 -10.45 -58.97 -30.80
CA ASN A 259 -11.63 -58.50 -31.49
C ASN A 259 -12.57 -59.62 -31.95
N ASN A 260 -12.17 -60.31 -33.01
CA ASN A 260 -12.95 -61.39 -33.61
C ASN A 260 -14.32 -60.93 -34.05
N GLY A 261 -14.37 -59.78 -34.73
CA GLY A 261 -15.61 -59.24 -35.24
C GLY A 261 -16.62 -58.80 -34.20
N LYS A 262 -16.42 -59.22 -32.96
CA LYS A 262 -17.33 -58.86 -31.89
C LYS A 262 -16.69 -57.97 -30.82
N GLY A 263 -15.41 -57.67 -31.00
CA GLY A 263 -14.70 -56.86 -30.03
C GLY A 263 -15.08 -55.39 -30.04
N ARG A 264 -15.90 -54.99 -31.01
CA ARG A 264 -16.29 -53.59 -31.11
C ARG A 264 -16.83 -52.98 -29.84
N TYR A 265 -18.15 -52.77 -29.79
CA TYR A 265 -18.78 -52.13 -28.62
C TYR A 265 -18.53 -52.85 -27.29
N GLY A 266 -19.48 -52.75 -26.36
CA GLY A 266 -19.29 -53.41 -25.08
C GLY A 266 -20.34 -53.10 -24.04
N VAL A 267 -20.02 -53.40 -22.78
CA VAL A 267 -20.93 -53.14 -21.67
C VAL A 267 -20.05 -53.06 -20.42
N LYS A 268 -20.48 -52.27 -19.44
CA LYS A 268 -19.71 -52.14 -18.21
C LYS A 268 -19.71 -53.49 -17.49
N GLY A 269 -18.55 -53.88 -16.98
CA GLY A 269 -18.42 -55.14 -16.28
C GLY A 269 -17.29 -55.13 -15.28
N PHE A 270 -17.12 -56.22 -14.55
CA PHE A 270 -16.08 -56.31 -13.54
C PHE A 270 -15.49 -57.71 -13.48
N SER A 271 -14.38 -57.83 -12.75
CA SER A 271 -13.71 -59.11 -12.52
C SER A 271 -12.93 -59.00 -11.22
N PHE A 272 -12.70 -60.11 -10.55
CA PHE A 272 -11.97 -60.08 -9.29
C PHE A 272 -10.73 -60.98 -9.35
N ARG A 273 -9.56 -60.36 -9.30
CA ARG A 273 -8.35 -61.16 -9.34
C ARG A 273 -8.10 -61.84 -8.01
N TYR A 274 -7.52 -63.04 -8.08
CA TYR A 274 -7.17 -63.83 -6.89
C TYR A 274 -5.91 -64.61 -7.21
N GLY A 275 -4.78 -63.92 -7.24
CA GLY A 275 -3.52 -64.58 -7.56
C GLY A 275 -3.50 -64.86 -9.05
N ASP A 276 -3.31 -66.13 -9.42
CA ASP A 276 -3.31 -66.50 -10.83
C ASP A 276 -4.75 -66.68 -11.26
N GLY A 277 -5.64 -66.76 -10.27
CA GLY A 277 -7.06 -66.94 -10.55
C GLY A 277 -7.82 -65.64 -10.77
N VAL A 278 -9.07 -65.78 -11.21
CA VAL A 278 -9.95 -64.65 -11.48
C VAL A 278 -11.41 -65.08 -11.45
N TRP A 279 -12.28 -64.19 -10.96
CA TRP A 279 -13.72 -64.44 -10.94
C TRP A 279 -14.27 -63.53 -12.04
N ILE A 280 -14.94 -64.13 -13.02
CA ILE A 280 -15.48 -63.37 -14.13
C ILE A 280 -17.01 -63.35 -14.13
N GLY A 281 -17.57 -62.16 -14.05
CA GLY A 281 -19.01 -62.03 -14.09
C GLY A 281 -19.30 -61.58 -15.50
N ARG A 282 -20.27 -62.19 -16.15
CA ARG A 282 -20.59 -61.82 -17.52
C ARG A 282 -21.98 -62.26 -17.93
N THR A 283 -22.45 -61.77 -19.07
CA THR A 283 -23.77 -62.13 -19.56
C THR A 283 -23.70 -63.58 -20.05
N LYS A 284 -24.86 -64.18 -20.31
CA LYS A 284 -24.95 -65.55 -20.83
C LYS A 284 -24.85 -65.46 -22.35
N SER A 285 -25.63 -64.55 -22.94
CA SER A 285 -25.64 -64.32 -24.38
C SER A 285 -24.30 -63.74 -24.82
N LEU A 286 -23.93 -64.01 -26.06
CA LEU A 286 -22.67 -63.50 -26.60
C LEU A 286 -22.88 -62.18 -27.32
N GLU A 287 -24.12 -61.80 -27.54
CA GLU A 287 -24.37 -60.56 -28.27
C GLU A 287 -25.40 -59.62 -27.69
N SER A 288 -26.18 -60.10 -26.74
CA SER A 288 -27.19 -59.26 -26.10
C SER A 288 -26.93 -59.15 -24.60
N ARG A 289 -27.53 -58.16 -23.97
CA ARG A 289 -27.36 -57.96 -22.55
C ARG A 289 -28.41 -58.76 -21.79
N SER A 290 -28.24 -60.08 -21.80
CA SER A 290 -29.17 -60.99 -21.12
C SER A 290 -28.44 -62.09 -20.36
N GLY A 291 -29.06 -62.54 -19.27
CA GLY A 291 -28.44 -63.57 -18.45
C GLY A 291 -27.17 -63.05 -17.83
N PHE A 292 -26.75 -63.68 -16.73
CA PHE A 292 -25.53 -63.27 -16.06
C PHE A 292 -25.03 -64.48 -15.26
N GLU A 293 -23.70 -64.60 -15.15
CA GLU A 293 -23.10 -65.71 -14.42
C GLU A 293 -21.72 -65.30 -13.89
N MET A 294 -21.30 -65.98 -12.84
CA MET A 294 -20.00 -65.73 -12.24
C MET A 294 -19.16 -66.96 -12.51
N VAL A 295 -18.00 -66.74 -13.13
CA VAL A 295 -17.10 -67.84 -13.48
C VAL A 295 -15.79 -67.76 -12.71
N TRP A 296 -15.39 -68.88 -12.12
CA TRP A 296 -14.13 -68.98 -11.37
C TRP A 296 -13.14 -69.73 -12.28
N ASP A 297 -12.10 -69.02 -12.75
CA ASP A 297 -11.07 -69.57 -13.67
C ASP A 297 -9.73 -69.48 -12.93
N ALA A 298 -9.33 -70.59 -12.31
CA ALA A 298 -8.08 -70.63 -11.54
C ALA A 298 -6.83 -70.00 -12.16
N ASN A 299 -6.79 -69.95 -13.50
CA ASN A 299 -5.66 -69.34 -14.25
C ASN A 299 -6.05 -67.99 -14.83
N GLY A 300 -7.35 -67.73 -14.89
CA GLY A 300 -7.85 -66.51 -15.46
C GLY A 300 -6.85 -65.39 -15.68
N TRP A 301 -6.15 -65.02 -14.63
CA TRP A 301 -5.21 -63.92 -14.69
C TRP A 301 -3.86 -64.18 -15.36
N VAL A 302 -3.39 -65.42 -15.30
CA VAL A 302 -2.08 -65.76 -15.86
C VAL A 302 -2.11 -66.57 -17.16
N SER A 303 -3.12 -67.42 -17.29
CA SER A 303 -3.23 -68.27 -18.46
C SER A 303 -4.18 -67.73 -19.51
N THR A 304 -4.30 -68.44 -20.63
CA THR A 304 -5.22 -68.03 -21.67
C THR A 304 -6.22 -69.15 -21.98
N ASP A 305 -6.38 -70.10 -21.05
CA ASP A 305 -7.36 -71.18 -21.24
C ASP A 305 -8.76 -70.63 -21.44
N LYS A 306 -9.60 -71.45 -22.06
CA LYS A 306 -11.01 -71.11 -22.25
C LYS A 306 -11.61 -72.03 -21.21
N ASP A 307 -10.75 -72.64 -20.38
CA ASP A 307 -11.21 -73.55 -19.31
C ASP A 307 -11.20 -72.91 -17.95
N SER A 308 -12.36 -73.01 -17.32
CA SER A 308 -12.64 -72.47 -16.00
C SER A 308 -12.80 -73.58 -14.97
N ASN A 309 -13.20 -73.21 -13.76
CA ASN A 309 -13.35 -74.18 -12.71
C ASN A 309 -14.62 -73.96 -11.88
N GLY A 310 -15.73 -73.71 -12.55
CA GLY A 310 -16.97 -73.49 -11.83
C GLY A 310 -17.75 -72.30 -12.32
N VAL A 311 -19.06 -72.44 -12.41
CA VAL A 311 -19.90 -71.34 -12.86
C VAL A 311 -21.17 -71.23 -12.04
N GLN A 312 -21.41 -70.04 -11.50
CA GLN A 312 -22.60 -69.81 -10.69
C GLN A 312 -23.55 -68.93 -11.47
N ASP A 313 -24.77 -69.42 -11.65
CA ASP A 313 -25.78 -68.68 -12.38
C ASP A 313 -26.41 -67.61 -11.50
N ILE A 314 -26.61 -66.43 -12.08
CA ILE A 314 -27.23 -65.29 -11.40
C ILE A 314 -28.56 -64.93 -12.06
N ILE A 315 -28.55 -64.79 -13.38
CA ILE A 315 -29.75 -64.49 -14.17
C ILE A 315 -29.68 -65.38 -15.40
N ASP A 316 -30.75 -66.13 -15.68
CA ASP A 316 -30.71 -67.01 -16.86
C ASP A 316 -30.86 -66.20 -18.15
N ASN A 317 -30.59 -66.84 -19.28
CA ASN A 317 -30.63 -66.17 -20.58
C ASN A 317 -32.00 -65.72 -21.10
N ASP A 318 -33.08 -66.27 -20.56
CA ASP A 318 -34.41 -65.84 -21.00
C ASP A 318 -34.74 -64.45 -20.42
N ASN A 319 -33.84 -63.95 -19.58
CA ASN A 319 -34.02 -62.64 -18.95
C ASN A 319 -32.92 -61.62 -19.25
N TRP A 320 -33.28 -60.35 -19.08
CA TRP A 320 -32.40 -59.23 -19.33
C TRP A 320 -31.47 -58.82 -18.20
N SER A 321 -30.24 -58.46 -18.57
CA SER A 321 -29.26 -57.98 -17.62
C SER A 321 -28.77 -56.65 -18.18
N GLY A 322 -27.64 -56.16 -17.72
CA GLY A 322 -27.13 -54.90 -18.23
C GLY A 322 -25.80 -54.57 -17.59
N TYR A 323 -25.68 -53.36 -17.07
CA TYR A 323 -24.44 -52.96 -16.44
C TYR A 323 -24.09 -53.80 -15.22
N SER A 324 -22.80 -54.00 -15.02
CA SER A 324 -22.32 -54.77 -13.89
C SER A 324 -21.13 -54.04 -13.28
N GLY A 325 -20.97 -54.15 -11.96
CA GLY A 325 -19.88 -53.46 -11.30
C GLY A 325 -19.47 -54.00 -9.95
N SER A 326 -18.32 -53.55 -9.49
CA SER A 326 -17.79 -54.02 -8.21
C SER A 326 -17.81 -52.97 -7.10
N PHE A 327 -17.91 -53.45 -5.87
CA PHE A 327 -17.88 -52.60 -4.68
C PHE A 327 -17.42 -53.53 -3.57
N SER A 328 -16.82 -52.99 -2.52
CA SER A 328 -16.29 -53.84 -1.46
C SER A 328 -16.67 -53.39 -0.07
N ILE A 329 -16.87 -54.36 0.82
CA ILE A 329 -17.19 -54.08 2.21
C ILE A 329 -15.92 -54.34 2.99
N ARG A 330 -15.41 -53.27 3.59
CA ARG A 330 -14.16 -53.31 4.31
C ARG A 330 -14.09 -53.95 5.68
N GLY A 331 -12.87 -54.16 6.14
CA GLY A 331 -12.64 -54.77 7.44
C GLY A 331 -13.11 -53.86 8.55
N GLU A 332 -13.06 -52.56 8.33
CA GLU A 332 -13.51 -51.64 9.36
C GLU A 332 -15.00 -51.85 9.60
N THR A 333 -15.68 -52.51 8.65
CA THR A 333 -17.11 -52.79 8.77
C THR A 333 -17.26 -54.19 9.35
N THR A 334 -16.83 -55.17 8.57
CA THR A 334 -16.88 -56.56 8.99
C THR A 334 -15.64 -56.72 9.86
N GLY A 335 -15.76 -57.34 11.03
CA GLY A 335 -14.57 -57.48 11.85
C GLY A 335 -13.41 -58.23 11.17
N ARG A 336 -13.58 -58.59 9.90
CA ARG A 336 -12.57 -59.35 9.17
C ARG A 336 -11.25 -58.66 8.90
N ASN A 337 -10.25 -59.47 8.56
CA ASN A 337 -8.90 -59.02 8.26
C ASN A 337 -8.70 -58.93 6.75
N CYS A 338 -9.78 -59.08 6.00
CA CYS A 338 -9.73 -59.03 4.54
C CYS A 338 -10.91 -58.21 4.04
N THR A 339 -10.92 -57.93 2.74
CA THR A 339 -11.98 -57.16 2.12
C THR A 339 -13.00 -58.12 1.52
N VAL A 340 -14.29 -57.84 1.72
CA VAL A 340 -15.31 -58.69 1.12
C VAL A 340 -15.70 -58.09 -0.23
N PRO A 341 -15.46 -58.84 -1.31
CA PRO A 341 -15.79 -58.38 -2.66
C PRO A 341 -17.28 -58.62 -2.94
N CYS A 342 -17.92 -57.66 -3.60
CA CYS A 342 -19.34 -57.79 -3.93
C CYS A 342 -19.53 -57.23 -5.31
N PHE A 343 -20.71 -57.41 -5.88
CA PHE A 343 -20.97 -56.87 -7.20
C PHE A 343 -22.47 -56.64 -7.41
N TRP A 344 -22.79 -55.61 -8.18
CA TRP A 344 -24.18 -55.30 -8.47
C TRP A 344 -24.43 -55.54 -9.94
N VAL A 345 -25.67 -55.89 -10.27
CA VAL A 345 -26.05 -56.15 -11.64
C VAL A 345 -27.25 -55.32 -12.05
N GLU A 346 -27.09 -54.55 -13.12
CA GLU A 346 -28.17 -53.74 -13.64
C GLU A 346 -28.98 -54.61 -14.57
N MET A 347 -30.30 -54.51 -14.51
CA MET A 347 -31.15 -55.32 -15.36
C MET A 347 -32.02 -54.37 -16.18
N ILE A 348 -31.54 -54.05 -17.37
CA ILE A 348 -32.21 -53.11 -18.26
C ILE A 348 -33.48 -53.64 -18.89
N ARG A 349 -34.53 -52.82 -18.83
CA ARG A 349 -35.84 -53.14 -19.41
C ARG A 349 -36.25 -52.01 -20.33
N GLY A 350 -37.02 -52.35 -21.36
CA GLY A 350 -37.47 -51.33 -22.30
C GLY A 350 -36.67 -51.28 -23.58
N GLN A 351 -36.36 -50.07 -24.04
CA GLN A 351 -35.62 -49.88 -25.27
C GLN A 351 -34.14 -50.20 -25.10
N PRO A 352 -33.47 -50.62 -26.19
CA PRO A 352 -34.05 -50.82 -27.51
C PRO A 352 -34.71 -52.18 -27.71
N LYS A 353 -34.40 -53.14 -26.83
CA LYS A 353 -34.95 -54.49 -26.95
C LYS A 353 -36.48 -54.51 -26.95
N GLU A 354 -37.06 -54.41 -25.76
CA GLU A 354 -38.51 -54.41 -25.61
C GLU A 354 -39.20 -53.19 -26.23
N LYS A 355 -40.51 -53.32 -26.49
CA LYS A 355 -41.31 -52.26 -27.11
C LYS A 355 -41.95 -51.27 -26.15
N THR A 356 -41.18 -50.29 -25.70
CA THR A 356 -41.65 -49.26 -24.77
C THR A 356 -41.07 -47.91 -25.20
N ILE A 357 -41.54 -46.81 -24.62
CA ILE A 357 -40.98 -45.52 -25.00
C ILE A 357 -39.85 -45.17 -24.05
N TRP A 358 -39.59 -46.06 -23.11
CA TRP A 358 -38.57 -45.82 -22.11
C TRP A 358 -37.54 -46.94 -21.95
N THR A 359 -36.57 -46.69 -21.08
CA THR A 359 -35.52 -47.64 -20.77
C THR A 359 -35.07 -47.41 -19.33
N SER A 360 -35.19 -48.43 -18.49
CA SER A 360 -34.78 -48.28 -17.11
C SER A 360 -34.07 -49.53 -16.60
N GLY A 361 -33.63 -49.48 -15.34
CA GLY A 361 -32.97 -50.63 -14.78
C GLY A 361 -33.51 -51.01 -13.42
N SER A 362 -33.12 -52.18 -12.95
CA SER A 362 -33.53 -52.68 -11.66
C SER A 362 -32.24 -53.33 -11.20
N SER A 363 -32.14 -53.76 -9.94
CA SER A 363 -30.88 -54.36 -9.52
C SER A 363 -30.91 -55.47 -8.49
N ILE A 364 -29.80 -56.17 -8.44
CA ILE A 364 -29.56 -57.26 -7.51
C ILE A 364 -28.09 -57.15 -7.19
N ALA A 365 -27.69 -57.58 -6.00
CA ALA A 365 -26.28 -57.50 -5.66
C ALA A 365 -25.87 -58.75 -4.89
N PHE A 366 -24.59 -59.07 -4.93
CA PHE A 366 -24.08 -60.25 -4.24
C PHE A 366 -22.75 -59.94 -3.57
N CYS A 367 -22.38 -60.75 -2.59
CA CYS A 367 -21.11 -60.57 -1.91
C CYS A 367 -20.35 -61.88 -1.76
N GLY A 368 -19.02 -61.72 -1.62
CA GLY A 368 -18.07 -62.81 -1.45
C GLY A 368 -18.56 -64.10 -0.82
N VAL A 369 -18.41 -64.25 0.49
CA VAL A 369 -18.85 -65.48 1.17
C VAL A 369 -17.98 -66.73 0.89
N ASN A 370 -17.35 -67.25 1.93
CA ASN A 370 -16.51 -68.44 1.79
C ASN A 370 -17.25 -69.62 2.41
N SER A 371 -18.57 -69.63 2.21
CA SER A 371 -19.44 -70.67 2.71
C SER A 371 -20.32 -71.08 1.53
N ASP A 372 -21.35 -71.89 1.80
CA ASP A 372 -22.23 -72.38 0.72
C ASP A 372 -23.19 -71.36 0.11
N THR A 373 -23.41 -71.52 -1.19
CA THR A 373 -24.29 -70.65 -1.95
C THR A 373 -25.08 -71.49 -2.96
N THR A 374 -25.76 -70.81 -3.87
CA THR A 374 -26.56 -71.46 -4.90
C THR A 374 -26.72 -70.52 -6.07
N GLY A 375 -26.81 -71.07 -7.27
CA GLY A 375 -27.02 -70.24 -8.43
C GLY A 375 -28.52 -70.26 -8.61
N TRP A 376 -29.04 -69.40 -9.48
CA TRP A 376 -30.48 -69.35 -9.72
C TRP A 376 -30.70 -68.25 -10.73
N SER A 377 -31.92 -67.73 -10.77
CA SER A 377 -32.23 -66.64 -11.68
C SER A 377 -33.03 -65.59 -10.90
N TRP A 378 -32.44 -64.40 -10.77
CA TRP A 378 -33.07 -63.30 -10.05
C TRP A 378 -33.28 -62.12 -10.98
N PRO A 379 -34.15 -62.28 -12.01
CA PRO A 379 -34.43 -61.24 -12.99
C PRO A 379 -35.20 -60.03 -12.45
N ASP A 380 -35.38 -59.03 -13.30
CA ASP A 380 -36.09 -57.80 -12.94
C ASP A 380 -37.55 -58.04 -12.57
N GLY A 381 -38.23 -58.93 -13.28
CA GLY A 381 -39.61 -59.24 -12.96
C GLY A 381 -40.72 -58.33 -13.48
N ALA A 382 -40.38 -57.21 -14.08
CA ALA A 382 -41.42 -56.31 -14.59
C ALA A 382 -42.10 -56.93 -15.81
N LEU A 383 -43.41 -56.66 -15.93
CA LEU A 383 -44.20 -57.14 -17.06
C LEU A 383 -44.46 -55.99 -18.03
N LEU A 384 -43.64 -55.87 -19.07
CA LEU A 384 -43.82 -54.81 -20.04
C LEU A 384 -44.67 -55.31 -21.21
N PRO A 385 -45.25 -54.38 -21.98
CA PRO A 385 -45.10 -52.94 -21.76
C PRO A 385 -45.95 -52.44 -20.60
N PHE A 386 -45.66 -51.22 -20.16
CA PHE A 386 -46.40 -50.61 -19.06
C PHE A 386 -47.54 -49.82 -19.70
N ASP A 387 -48.24 -49.00 -18.91
CA ASP A 387 -49.35 -48.19 -19.44
C ASP A 387 -48.78 -47.25 -20.49
N ILE A 388 -47.56 -47.57 -20.89
CA ILE A 388 -46.74 -46.88 -21.90
C ILE A 388 -47.12 -45.44 -22.26
N VAL B 1 -5.67 55.26 14.84
CA VAL B 1 -6.73 56.02 15.57
C VAL B 1 -6.40 56.13 17.07
N ILE B 2 -5.36 55.42 17.48
CA ILE B 2 -4.91 55.45 18.87
C ILE B 2 -3.39 55.26 18.97
N HIS B 3 -2.78 55.90 19.95
CA HIS B 3 -1.33 55.83 20.14
C HIS B 3 -0.82 54.54 20.75
N TYR B 4 0.45 54.27 20.52
CA TYR B 4 1.12 53.08 21.04
C TYR B 4 1.18 53.12 22.55
N SER B 5 0.03 52.94 23.20
CA SER B 5 -0.04 52.93 24.65
C SER B 5 0.91 51.80 25.04
N SER B 6 2.07 52.16 25.60
CA SER B 6 3.05 51.14 25.94
C SER B 6 3.65 50.99 27.33
N GLY B 7 3.63 49.71 27.74
CA GLY B 7 4.15 49.21 28.99
C GLY B 7 4.27 47.70 28.75
N LYS B 8 4.72 47.34 27.55
CA LYS B 8 4.86 45.94 27.13
C LYS B 8 6.30 45.42 27.04
N ASP B 9 6.42 44.11 26.87
CA ASP B 9 7.73 43.48 26.74
C ASP B 9 7.85 42.71 25.42
N LEU B 10 9.08 42.48 24.99
CA LEU B 10 9.33 41.76 23.75
C LEU B 10 8.73 40.35 23.86
N CYS B 11 7.93 39.98 22.87
CA CYS B 11 7.31 38.66 22.83
C CYS B 11 8.37 37.56 22.86
N PRO B 12 7.99 36.36 23.34
CA PRO B 12 8.92 35.23 23.40
C PRO B 12 9.37 34.91 21.98
N VAL B 13 10.61 34.48 21.82
CA VAL B 13 11.11 34.16 20.47
C VAL B 13 12.01 32.94 20.41
N LYS B 14 11.72 32.03 19.49
CA LYS B 14 12.54 30.82 19.32
C LYS B 14 13.45 31.04 18.12
N GLY B 15 12.87 31.48 17.02
CA GLY B 15 13.64 31.72 15.81
C GLY B 15 13.14 32.93 15.06
N TRP B 16 13.72 33.23 13.90
CA TRP B 16 13.29 34.39 13.14
C TRP B 16 12.74 34.01 11.77
N ALA B 17 11.52 34.49 11.49
CA ALA B 17 10.87 34.22 10.21
C ALA B 17 11.06 35.42 9.27
N PRO B 18 11.27 35.16 7.97
CA PRO B 18 11.46 36.25 7.01
C PRO B 18 10.18 37.03 6.78
N LEU B 19 10.30 38.36 6.80
CA LEU B 19 9.15 39.23 6.59
C LEU B 19 9.12 39.78 5.17
N SER B 20 10.24 40.36 4.73
CA SER B 20 10.31 40.94 3.39
C SER B 20 11.71 40.97 2.77
N LYS B 21 11.74 40.93 1.44
CA LYS B 21 12.96 40.99 0.65
C LYS B 21 12.55 41.87 -0.52
N ASP B 22 13.34 42.87 -0.87
CA ASP B 22 12.95 43.75 -1.97
C ASP B 22 13.65 43.55 -3.32
N ASN B 23 14.77 42.83 -3.35
CA ASN B 23 15.51 42.61 -4.60
C ASN B 23 15.74 43.93 -5.35
N GLY B 24 15.75 45.03 -4.60
CA GLY B 24 15.93 46.34 -5.19
C GLY B 24 17.02 46.49 -6.23
N ILE B 25 18.20 45.91 -5.96
CA ILE B 25 19.31 46.02 -6.90
C ILE B 25 19.13 45.12 -8.13
N ARG B 26 18.63 43.91 -7.93
CA ARG B 26 18.41 43.03 -9.08
C ARG B 26 17.41 43.73 -10.01
N ILE B 27 16.40 44.36 -9.43
CA ILE B 27 15.39 45.06 -10.21
C ILE B 27 15.96 46.28 -10.93
N GLY B 28 16.87 47.00 -10.27
CA GLY B 28 17.47 48.19 -10.85
C GLY B 28 18.39 47.95 -12.03
N SER B 29 18.59 46.69 -12.40
CA SER B 29 19.45 46.37 -13.53
C SER B 29 18.84 46.98 -14.80
N ARG B 30 17.51 47.02 -14.84
CA ARG B 30 16.79 47.57 -15.98
C ARG B 30 15.73 48.58 -15.56
N GLY B 31 15.08 48.33 -14.43
CA GLY B 31 14.04 49.23 -13.95
C GLY B 31 14.55 50.46 -13.21
N GLU B 32 13.67 51.44 -13.00
CA GLU B 32 14.00 52.67 -12.28
C GLU B 32 14.06 52.42 -10.79
N VAL B 33 15.25 52.50 -10.21
CA VAL B 33 15.41 52.26 -8.78
C VAL B 33 16.47 53.17 -8.17
N PHE B 34 16.16 53.81 -7.05
CA PHE B 34 17.11 54.69 -6.37
C PHE B 34 18.33 53.95 -5.83
N VAL B 35 19.47 54.63 -5.76
CA VAL B 35 20.68 54.08 -5.18
C VAL B 35 20.39 54.29 -3.69
N ILE B 36 20.43 53.20 -2.92
CA ILE B 36 20.07 53.19 -1.51
C ILE B 36 21.16 52.97 -0.48
N ARG B 37 20.83 53.34 0.77
CA ARG B 37 21.66 53.16 1.96
C ARG B 37 20.70 53.30 3.13
N GLU B 38 20.92 52.55 4.21
CA GLU B 38 20.05 52.64 5.38
C GLU B 38 18.60 52.20 5.20
N PRO B 39 18.35 51.08 4.51
CA PRO B 39 16.95 50.67 4.34
C PRO B 39 16.37 50.15 5.66
N PHE B 40 16.01 51.07 6.54
CA PHE B 40 15.46 50.68 7.82
C PHE B 40 13.94 50.73 7.85
N ILE B 41 13.34 49.71 8.47
CA ILE B 41 11.89 49.63 8.56
C ILE B 41 11.35 50.30 9.83
N SER B 42 10.12 50.78 9.72
CA SER B 42 9.42 51.42 10.81
C SER B 42 7.93 51.21 10.52
N CYS B 43 7.15 50.93 11.56
CA CYS B 43 5.74 50.67 11.38
C CYS B 43 4.84 51.53 12.25
N SER B 44 3.62 51.71 11.76
CA SER B 44 2.57 52.44 12.47
C SER B 44 1.55 51.34 12.75
N ILE B 45 0.45 51.67 13.42
CA ILE B 45 -0.55 50.64 13.69
C ILE B 45 -1.00 49.85 12.45
N ASN B 46 -1.14 50.52 11.30
CA ASN B 46 -1.62 49.85 10.08
C ASN B 46 -0.62 49.67 8.95
N GLU B 47 0.62 50.12 9.12
CA GLU B 47 1.54 50.00 8.02
C GLU B 47 3.00 49.95 8.42
N CYS B 48 3.80 49.31 7.59
CA CYS B 48 5.23 49.23 7.82
C CYS B 48 5.81 49.77 6.53
N ARG B 49 6.82 50.62 6.64
CA ARG B 49 7.43 51.19 5.46
C ARG B 49 8.92 51.11 5.63
N THR B 50 9.64 51.23 4.53
CA THR B 50 11.09 51.18 4.59
C THR B 50 11.64 52.57 4.27
N PHE B 51 12.28 53.19 5.25
CA PHE B 51 12.87 54.49 5.06
C PHE B 51 14.31 54.27 4.60
N PHE B 52 14.84 55.21 3.81
CA PHE B 52 16.21 55.09 3.30
C PHE B 52 16.75 56.42 2.79
N LEU B 53 18.03 56.43 2.42
CA LEU B 53 18.64 57.66 1.90
C LEU B 53 18.99 57.49 0.42
N THR B 54 19.15 58.61 -0.27
CA THR B 54 19.47 58.61 -1.68
C THR B 54 20.13 59.91 -2.05
N GLN B 55 20.95 59.86 -3.09
CA GLN B 55 21.62 61.06 -3.59
C GLN B 55 20.70 61.57 -4.70
N GLY B 56 19.56 60.90 -4.85
CA GLY B 56 18.62 61.25 -5.89
C GLY B 56 19.15 60.80 -7.24
N ALA B 57 19.78 59.63 -7.27
CA ALA B 57 20.34 59.09 -8.51
C ALA B 57 19.85 57.65 -8.68
N LEU B 58 19.58 57.26 -9.92
CA LEU B 58 19.10 55.91 -10.18
C LEU B 58 20.26 54.96 -10.41
N LEU B 59 20.01 53.67 -10.20
CA LEU B 59 21.03 52.63 -10.30
C LEU B 59 21.94 52.54 -11.52
N ASN B 60 21.39 52.46 -12.72
CA ASN B 60 22.27 52.36 -13.89
C ASN B 60 22.52 53.70 -14.57
N ASP B 61 22.62 54.77 -13.76
CA ASP B 61 22.84 56.12 -14.30
C ASP B 61 24.18 56.73 -13.90
N LYS B 62 24.68 57.63 -14.74
CA LYS B 62 25.96 58.28 -14.46
C LYS B 62 25.96 59.01 -13.12
N HIS B 63 24.81 59.52 -12.71
CA HIS B 63 24.68 60.25 -11.45
C HIS B 63 24.84 59.34 -10.22
N SER B 64 25.11 58.05 -10.45
CA SER B 64 25.27 57.12 -9.32
C SER B 64 26.72 56.94 -8.94
N ASN B 65 27.59 57.77 -9.54
CA ASN B 65 29.04 57.76 -9.31
C ASN B 65 29.39 57.92 -7.82
N GLY B 66 30.14 56.95 -7.28
CA GLY B 66 30.55 56.99 -5.88
C GLY B 66 31.29 58.23 -5.39
N THR B 67 31.76 59.04 -6.33
CA THR B 67 32.45 60.27 -5.95
C THR B 67 31.66 61.03 -4.89
N VAL B 68 30.51 61.58 -5.29
CA VAL B 68 29.65 62.36 -4.39
C VAL B 68 29.79 61.99 -2.91
N LYS B 69 30.10 62.99 -2.09
CA LYS B 69 30.25 62.81 -0.64
C LYS B 69 29.05 62.09 -0.03
N ASP B 70 29.26 61.40 1.08
CA ASP B 70 28.15 60.71 1.75
C ASP B 70 27.17 61.76 2.24
N ARG B 71 27.71 62.87 2.74
CA ARG B 71 26.88 63.96 3.23
C ARG B 71 26.88 65.05 2.17
N SER B 72 25.86 65.02 1.33
CA SER B 72 25.74 66.01 0.26
C SER B 72 24.40 66.72 0.35
N PRO B 73 24.27 67.88 -0.31
CA PRO B 73 23.02 68.62 -0.26
C PRO B 73 21.91 67.85 -0.97
N PHE B 74 22.30 66.82 -1.72
CA PHE B 74 21.36 65.99 -2.48
C PHE B 74 20.77 64.86 -1.66
N ARG B 75 21.48 64.40 -0.64
CA ARG B 75 21.01 63.29 0.19
C ARG B 75 19.62 63.57 0.78
N THR B 76 18.68 62.67 0.50
CA THR B 76 17.31 62.82 1.01
C THR B 76 16.78 61.54 1.64
N LEU B 77 15.97 61.69 2.69
CA LEU B 77 15.36 60.55 3.37
C LEU B 77 14.01 60.33 2.75
N MET B 78 13.69 59.07 2.46
CA MET B 78 12.42 58.71 1.84
C MET B 78 11.97 57.33 2.28
N SER B 79 10.71 56.99 2.01
CA SER B 79 10.16 55.69 2.39
C SER B 79 9.24 55.06 1.34
N CYS B 80 9.19 53.73 1.34
CA CYS B 80 8.37 52.98 0.41
C CYS B 80 7.73 51.77 1.11
N PRO B 81 6.66 51.20 0.54
CA PRO B 81 6.10 50.05 1.26
C PRO B 81 7.18 48.99 1.31
N ILE B 82 7.19 48.15 2.34
CA ILE B 82 8.21 47.12 2.48
C ILE B 82 8.09 46.02 1.43
N GLY B 83 9.24 45.58 0.93
CA GLY B 83 9.27 44.52 -0.06
C GLY B 83 9.22 44.96 -1.52
N VAL B 84 9.23 46.27 -1.75
CA VAL B 84 9.18 46.78 -3.11
C VAL B 84 10.39 47.65 -3.41
N ALA B 85 10.83 47.63 -4.66
CA ALA B 85 11.98 48.43 -5.05
C ALA B 85 11.80 49.90 -4.66
N PRO B 86 12.85 50.51 -4.09
CA PRO B 86 12.73 51.92 -3.71
C PRO B 86 12.93 52.72 -5.00
N SER B 87 11.87 52.80 -5.80
CA SER B 87 11.91 53.54 -7.06
C SER B 87 11.16 54.84 -6.91
N PRO B 88 11.44 55.81 -7.79
CA PRO B 88 10.72 57.08 -7.69
C PRO B 88 9.21 56.89 -7.74
N SER B 89 8.75 55.89 -8.48
CA SER B 89 7.33 55.62 -8.61
C SER B 89 6.60 55.20 -7.34
N ASN B 90 7.24 54.43 -6.47
CA ASN B 90 6.54 54.05 -5.25
C ASN B 90 7.12 54.55 -3.93
N SER B 91 8.06 55.48 -4.02
CA SER B 91 8.69 56.08 -2.83
C SER B 91 8.12 57.46 -2.49
N ARG B 92 7.97 57.70 -1.20
CA ARG B 92 7.46 58.97 -0.70
C ARG B 92 8.65 59.85 -0.22
N PHE B 93 8.52 61.17 -0.31
CA PHE B 93 9.59 62.05 0.16
C PHE B 93 9.39 62.24 1.65
N GLU B 94 10.45 62.04 2.43
CA GLU B 94 10.33 62.21 3.88
C GLU B 94 11.03 63.46 4.40
N SER B 95 12.24 63.71 3.92
CA SER B 95 13.00 64.89 4.34
C SER B 95 14.38 65.03 3.72
N VAL B 96 14.93 66.24 3.79
CA VAL B 96 16.26 66.54 3.27
C VAL B 96 17.24 66.08 4.33
N ALA B 97 17.97 65.00 4.06
CA ALA B 97 18.91 64.49 5.05
C ALA B 97 20.02 63.57 4.57
N TRP B 98 21.16 63.63 5.28
CA TRP B 98 22.28 62.74 4.99
C TRP B 98 22.51 61.89 6.25
N SER B 99 21.49 61.88 7.10
CA SER B 99 21.46 61.10 8.34
C SER B 99 20.08 61.29 8.91
N ALA B 100 19.40 60.20 9.25
CA ALA B 100 18.06 60.36 9.77
C ALA B 100 17.62 59.30 10.78
N THR B 101 16.34 59.37 11.12
CA THR B 101 15.71 58.45 12.04
C THR B 101 14.24 58.77 11.92
N ALA B 102 13.41 57.75 12.01
CA ALA B 102 11.97 57.95 11.91
C ALA B 102 11.26 56.86 12.72
N CYS B 103 10.01 57.10 13.05
CA CYS B 103 9.20 56.15 13.81
C CYS B 103 7.80 56.72 13.98
N SER B 104 6.83 55.83 14.19
CA SER B 104 5.45 56.23 14.39
C SER B 104 5.08 56.17 15.86
N ASP B 105 4.12 56.99 16.28
CA ASP B 105 3.70 56.94 17.66
C ASP B 105 2.37 56.20 17.68
N GLY B 106 2.07 55.53 16.57
CA GLY B 106 0.84 54.79 16.44
C GLY B 106 0.02 55.29 15.26
N PRO B 107 -0.57 56.50 15.39
CA PRO B 107 -1.38 57.12 14.35
C PRO B 107 -0.62 57.95 13.32
N GLY B 108 0.54 58.50 13.71
CA GLY B 108 1.30 59.34 12.80
C GLY B 108 2.76 58.96 12.59
N TRP B 109 3.49 59.83 11.91
CA TRP B 109 4.91 59.58 11.62
C TRP B 109 5.89 60.67 12.05
N LEU B 110 6.90 60.28 12.83
CA LEU B 110 7.91 61.23 13.25
C LEU B 110 9.09 61.07 12.31
N THR B 111 9.55 62.16 11.73
CA THR B 111 10.70 62.11 10.84
C THR B 111 11.77 63.11 11.28
N ILE B 112 13.00 62.64 11.40
CA ILE B 112 14.10 63.49 11.79
C ILE B 112 15.24 63.38 10.78
N GLY B 113 15.39 64.40 9.96
CA GLY B 113 16.45 64.40 8.97
C GLY B 113 17.48 65.47 9.26
N ILE B 114 18.74 65.07 9.36
CA ILE B 114 19.85 65.98 9.63
C ILE B 114 20.51 66.31 8.29
N THR B 115 20.75 67.59 8.07
CA THR B 115 21.38 68.02 6.83
C THR B 115 22.23 69.27 7.09
N GLY B 116 22.70 69.91 6.02
CA GLY B 116 23.52 71.10 6.18
C GLY B 116 25.01 70.81 6.19
N PRO B 117 25.84 71.79 6.56
CA PRO B 117 27.30 71.58 6.60
C PRO B 117 27.75 70.76 7.82
N ASP B 118 29.00 70.31 7.78
CA ASP B 118 29.55 69.49 8.86
C ASP B 118 29.71 70.23 10.17
N ALA B 119 30.03 71.50 10.10
CA ALA B 119 30.24 72.31 11.29
C ALA B 119 28.95 72.74 11.98
N THR B 120 27.90 72.99 11.20
CA THR B 120 26.62 73.42 11.77
C THR B 120 25.41 72.63 11.30
N ALA B 121 25.50 71.30 11.32
CA ALA B 121 24.39 70.46 10.87
C ALA B 121 23.16 70.69 11.74
N VAL B 122 21.98 70.67 11.11
CA VAL B 122 20.72 70.87 11.80
C VAL B 122 19.73 69.72 11.64
N ALA B 123 19.01 69.41 12.71
CA ALA B 123 18.02 68.34 12.69
C ALA B 123 16.64 68.95 12.51
N VAL B 124 16.01 68.66 11.37
CA VAL B 124 14.66 69.18 11.12
C VAL B 124 13.65 68.09 11.44
N LEU B 125 12.85 68.31 12.46
CA LEU B 125 11.86 67.32 12.86
C LEU B 125 10.54 67.63 12.16
N LYS B 126 9.80 66.58 11.83
CA LYS B 126 8.51 66.74 11.17
C LYS B 126 7.56 65.71 11.72
N TYR B 127 6.29 66.06 11.76
CA TYR B 127 5.27 65.13 12.19
C TYR B 127 4.27 65.13 11.03
N ASN B 128 4.03 63.94 10.49
CA ASN B 128 3.14 63.78 9.37
C ASN B 128 3.54 64.67 8.21
N GLY B 129 4.85 64.85 8.02
CA GLY B 129 5.37 65.66 6.93
C GLY B 129 5.49 67.15 7.16
N ILE B 130 4.92 67.64 8.25
CA ILE B 130 4.99 69.06 8.55
C ILE B 130 6.06 69.34 9.60
N ILE B 131 6.98 70.27 9.29
CA ILE B 131 8.03 70.63 10.22
C ILE B 131 7.43 71.03 11.57
N THR B 132 7.91 70.39 12.63
CA THR B 132 7.40 70.64 13.97
C THR B 132 8.46 71.10 14.95
N ASP B 133 9.73 71.04 14.56
CA ASP B 133 10.80 71.48 15.45
C ASP B 133 12.19 71.39 14.81
N THR B 134 13.19 71.90 15.52
CA THR B 134 14.56 71.88 15.03
C THR B 134 15.58 71.73 16.16
N LEU B 135 16.76 71.22 15.82
CA LEU B 135 17.86 71.06 16.77
C LEU B 135 19.15 71.20 15.98
N LYS B 136 20.05 72.05 16.45
CA LYS B 136 21.30 72.28 15.75
C LYS B 136 22.49 71.58 16.42
N SER B 137 23.59 71.46 15.69
CA SER B 137 24.77 70.82 16.22
C SER B 137 25.23 71.63 17.42
N TRP B 138 25.60 70.94 18.48
CA TRP B 138 26.04 71.61 19.70
C TRP B 138 27.53 71.40 19.92
N LYS B 139 28.14 70.59 19.07
CA LYS B 139 29.56 70.30 19.20
C LYS B 139 30.28 70.53 17.87
N GLY B 140 29.54 71.04 16.89
CA GLY B 140 30.11 71.33 15.59
C GLY B 140 30.88 70.24 14.88
N ASN B 141 30.47 69.00 15.03
CA ASN B 141 31.19 67.93 14.36
C ASN B 141 30.33 66.77 13.86
N ILE B 142 29.66 66.99 12.73
CA ILE B 142 28.82 65.95 12.14
C ILE B 142 27.79 65.37 13.12
N MET B 143 26.80 66.18 13.50
CA MET B 143 25.76 65.71 14.40
C MET B 143 25.11 64.54 13.65
N ARG B 144 25.03 63.39 14.32
CA ARG B 144 24.49 62.18 13.71
C ARG B 144 23.36 61.63 14.53
N THR B 145 22.60 60.70 13.93
CA THR B 145 21.49 60.07 14.62
C THR B 145 21.37 58.57 14.27
N GLN B 146 20.36 57.91 14.81
CA GLN B 146 20.12 56.47 14.63
C GLN B 146 20.32 55.73 13.30
N GLU B 147 19.69 56.21 12.22
CA GLU B 147 19.75 55.55 10.91
C GLU B 147 18.93 54.25 10.99
N SER B 148 17.97 54.25 11.92
CA SER B 148 17.05 53.14 12.16
C SER B 148 15.90 53.75 12.95
N GLU B 149 14.80 53.03 13.07
CA GLU B 149 13.63 53.53 13.79
C GLU B 149 13.84 53.94 15.25
N CYS B 150 13.28 55.10 15.60
CA CYS B 150 13.31 55.64 16.95
C CYS B 150 12.15 54.98 17.69
N VAL B 151 11.95 55.30 18.96
CA VAL B 151 10.86 54.64 19.68
C VAL B 151 9.87 55.58 20.34
N CYS B 152 8.59 55.25 20.21
CA CYS B 152 7.52 56.04 20.80
C CYS B 152 6.68 55.19 21.73
N GLN B 153 6.19 55.81 22.80
CA GLN B 153 5.35 55.15 23.77
C GLN B 153 4.55 56.26 24.42
N ASP B 154 3.24 56.07 24.53
CA ASP B 154 2.40 57.08 25.17
C ASP B 154 2.63 58.49 24.62
N GLU B 155 2.34 58.66 23.34
CA GLU B 155 2.47 59.93 22.63
C GLU B 155 3.85 60.59 22.66
N PHE B 156 4.82 59.92 23.29
CA PHE B 156 6.18 60.46 23.35
C PHE B 156 7.16 59.57 22.61
N CYS B 157 7.98 60.18 21.76
CA CYS B 157 8.99 59.47 20.98
C CYS B 157 10.38 59.85 21.48
N TYR B 158 11.30 58.89 21.50
CA TYR B 158 12.64 59.12 22.00
C TYR B 158 13.73 58.76 20.99
N THR B 159 14.90 59.38 21.12
CA THR B 159 16.03 59.10 20.23
C THR B 159 17.36 59.51 20.86
N LEU B 160 18.44 59.15 20.19
CA LEU B 160 19.76 59.52 20.65
C LEU B 160 20.46 60.21 19.48
N ILE B 161 21.19 61.27 19.81
CA ILE B 161 21.94 62.03 18.81
C ILE B 161 23.39 62.16 19.27
N THR B 162 24.31 62.05 18.33
CA THR B 162 25.73 62.14 18.64
C THR B 162 26.36 63.33 17.95
N ASP B 163 27.30 63.97 18.63
CA ASP B 163 28.01 65.08 18.05
C ASP B 163 29.47 65.02 18.49
N GLY B 164 30.38 65.18 17.53
CA GLY B 164 31.79 65.12 17.86
C GLY B 164 32.53 64.11 17.00
N PRO B 165 33.77 63.78 17.36
CA PRO B 165 34.52 62.81 16.55
C PRO B 165 34.04 61.37 16.58
N SER B 166 34.44 60.64 15.54
CA SER B 166 34.14 59.23 15.38
C SER B 166 35.49 58.55 15.56
N ASP B 167 36.49 59.40 15.83
CA ASP B 167 37.88 59.04 16.06
C ASP B 167 38.05 58.60 17.50
N ALA B 168 37.47 59.38 18.40
CA ALA B 168 37.56 59.12 19.83
C ALA B 168 36.24 59.48 20.51
N GLN B 169 36.35 60.00 21.73
CA GLN B 169 35.17 60.40 22.50
C GLN B 169 34.28 61.37 21.75
N ALA B 170 32.99 61.12 21.81
CA ALA B 170 32.04 62.00 21.16
C ALA B 170 31.10 62.47 22.27
N PHE B 171 30.03 63.14 21.90
CA PHE B 171 29.08 63.63 22.88
C PHE B 171 27.70 63.19 22.43
N TYR B 172 26.88 62.74 23.37
CA TYR B 172 25.55 62.23 23.02
C TYR B 172 24.36 62.86 23.75
N LYS B 173 23.19 62.80 23.12
CA LYS B 173 21.98 63.35 23.72
C LYS B 173 20.78 62.46 23.52
N ILE B 174 19.87 62.53 24.48
CA ILE B 174 18.63 61.77 24.46
C ILE B 174 17.51 62.76 24.22
N LEU B 175 16.55 62.43 23.37
CA LEU B 175 15.46 63.35 23.12
C LEU B 175 14.09 62.74 23.44
N LYS B 176 13.17 63.60 23.87
CA LYS B 176 11.81 63.19 24.19
C LYS B 176 10.94 64.10 23.32
N ILE B 177 10.32 63.52 22.30
CA ILE B 177 9.52 64.30 21.38
C ILE B 177 8.04 63.93 21.39
N LYS B 178 7.18 64.93 21.32
CA LYS B 178 5.74 64.72 21.27
C LYS B 178 5.20 65.43 20.04
N LYS B 179 4.64 64.66 19.12
CA LYS B 179 4.09 65.21 17.88
C LYS B 179 5.09 66.16 17.21
N GLY B 180 6.35 65.75 17.17
CA GLY B 180 7.38 66.55 16.53
C GLY B 180 8.04 67.65 17.34
N LYS B 181 7.51 67.92 18.54
CA LYS B 181 8.06 68.97 19.40
C LYS B 181 8.98 68.37 20.46
N ILE B 182 10.18 68.93 20.58
CA ILE B 182 11.15 68.45 21.57
C ILE B 182 10.67 68.90 22.96
N VAL B 183 10.16 67.95 23.73
CA VAL B 183 9.65 68.21 25.06
C VAL B 183 10.69 68.04 26.16
N SER B 184 11.95 67.97 25.78
CA SER B 184 13.08 67.82 26.72
C SER B 184 14.19 66.95 26.13
N VAL B 185 15.43 67.35 26.40
CA VAL B 185 16.61 66.65 25.92
C VAL B 185 17.48 66.38 27.14
N LYS B 186 18.40 65.42 27.03
CA LYS B 186 19.27 65.09 28.15
C LYS B 186 20.68 64.76 27.64
N ASP B 187 21.70 65.39 28.22
CA ASP B 187 23.07 65.08 27.82
C ASP B 187 23.42 63.74 28.45
N VAL B 188 24.07 62.88 27.69
CA VAL B 188 24.46 61.58 28.21
C VAL B 188 25.94 61.61 28.56
N ASP B 189 26.23 61.49 29.84
CA ASP B 189 27.61 61.51 30.30
C ASP B 189 28.12 60.08 30.27
N ALA B 190 28.93 59.78 29.26
CA ALA B 190 29.46 58.43 29.10
C ALA B 190 30.93 58.49 28.70
N PRO B 191 31.81 58.87 29.63
CA PRO B 191 33.24 58.96 29.33
C PRO B 191 33.81 57.57 29.04
N GLY B 192 34.45 57.45 27.88
CA GLY B 192 35.02 56.18 27.48
C GLY B 192 34.08 55.42 26.56
N PHE B 193 32.85 55.93 26.43
CA PHE B 193 31.84 55.32 25.58
C PHE B 193 31.73 56.03 24.26
N HIS B 194 31.42 55.28 23.21
CA HIS B 194 31.25 55.86 21.89
C HIS B 194 29.96 55.29 21.31
N PHE B 195 28.91 56.12 21.32
CA PHE B 195 27.61 55.73 20.81
C PHE B 195 27.35 56.33 19.45
N GLU B 196 27.00 55.47 18.49
CA GLU B 196 26.67 55.92 17.13
C GLU B 196 25.64 54.98 16.51
N GLU B 197 24.77 55.53 15.68
CA GLU B 197 23.76 54.73 14.98
C GLU B 197 23.09 53.68 15.88
N CYS B 198 22.39 54.13 16.91
CA CYS B 198 21.74 53.19 17.82
C CYS B 198 20.52 52.48 17.26
N SER B 199 20.35 51.23 17.67
CA SER B 199 19.20 50.44 17.28
C SER B 199 18.41 50.33 18.58
N CYS B 200 17.18 50.84 18.56
CA CYS B 200 16.36 50.82 19.76
C CYS B 200 15.10 50.00 19.62
N TYR B 201 14.40 49.87 20.75
CA TYR B 201 13.15 49.17 20.87
C TYR B 201 12.62 49.37 22.28
N PRO B 202 11.29 49.35 22.44
CA PRO B 202 10.65 49.54 23.74
C PRO B 202 10.80 48.28 24.59
N SER B 203 10.91 48.48 25.89
CA SER B 203 11.05 47.35 26.81
C SER B 203 10.43 47.75 28.15
N GLY B 204 9.30 47.15 28.47
CA GLY B 204 8.63 47.45 29.72
C GLY B 204 8.15 48.89 29.72
N GLU B 205 8.89 49.75 30.42
CA GLU B 205 8.54 51.15 30.49
C GLU B 205 9.71 51.99 29.98
N ASN B 206 10.77 51.30 29.60
CA ASN B 206 11.97 51.94 29.10
C ASN B 206 12.13 51.81 27.59
N VAL B 207 13.27 52.28 27.11
CA VAL B 207 13.64 52.22 25.71
C VAL B 207 15.09 51.77 25.73
N GLU B 208 15.37 50.57 25.24
CA GLU B 208 16.73 50.06 25.22
C GLU B 208 17.31 50.23 23.83
N CYS B 209 18.63 50.42 23.76
CA CYS B 209 19.28 50.57 22.48
C CYS B 209 20.67 49.95 22.52
N VAL B 210 21.04 49.27 21.44
CA VAL B 210 22.36 48.67 21.28
C VAL B 210 22.92 49.48 20.13
N CYS B 211 24.16 49.97 20.27
CA CYS B 211 24.74 50.82 19.22
C CYS B 211 26.12 50.43 18.70
N ARG B 212 26.77 51.41 18.09
CA ARG B 212 28.08 51.22 17.50
C ARG B 212 29.17 52.11 18.09
N ASP B 213 30.24 51.46 18.54
CA ASP B 213 31.41 52.15 19.10
C ASP B 213 32.42 52.11 17.96
N ASN B 214 32.54 53.25 17.27
CA ASN B 214 33.43 53.39 16.13
C ASN B 214 34.83 53.85 16.56
N TRP B 215 34.96 54.18 17.85
CA TRP B 215 36.21 54.66 18.40
C TRP B 215 37.18 53.53 18.74
N ARG B 216 36.80 52.66 19.65
CA ARG B 216 37.68 51.54 20.01
C ARG B 216 36.94 50.35 20.60
N GLY B 217 35.68 50.19 20.21
CA GLY B 217 34.91 49.06 20.72
C GLY B 217 34.52 48.01 19.71
N SER B 218 34.88 46.75 19.98
CA SER B 218 34.52 45.62 19.13
C SER B 218 33.17 45.07 19.59
N ASN B 219 32.82 45.33 20.85
CA ASN B 219 31.55 44.90 21.40
C ASN B 219 30.62 46.08 21.25
N ARG B 220 29.32 45.89 21.43
CA ARG B 220 28.40 46.99 21.24
C ARG B 220 27.91 47.70 22.50
N PRO B 221 28.05 49.03 22.53
CA PRO B 221 27.60 49.82 23.68
C PRO B 221 26.08 49.83 23.70
N TRP B 222 25.48 49.81 24.89
CA TRP B 222 24.03 49.85 24.98
C TRP B 222 23.56 50.98 25.89
N ILE B 223 22.26 51.20 25.94
CA ILE B 223 21.68 52.26 26.77
C ILE B 223 20.18 52.06 26.99
N ARG B 224 19.72 52.38 28.20
CA ARG B 224 18.30 52.24 28.54
C ARG B 224 17.82 53.49 29.27
N PHE B 225 16.65 54.01 28.91
CA PHE B 225 16.12 55.20 29.56
C PHE B 225 14.60 55.27 29.67
N ASN B 226 14.12 56.03 30.65
CA ASN B 226 12.69 56.18 30.90
C ASN B 226 12.12 57.53 30.44
N SER B 227 10.86 57.77 30.79
CA SER B 227 10.17 59.00 30.45
C SER B 227 10.98 60.23 30.76
N ASP B 228 11.46 60.33 32.00
CA ASP B 228 12.24 61.48 32.46
C ASP B 228 13.65 61.53 31.88
N LEU B 229 13.99 60.53 31.08
CA LEU B 229 15.31 60.45 30.47
C LEU B 229 16.43 60.09 31.44
N ASP B 230 16.10 59.34 32.49
CA ASP B 230 17.11 58.88 33.43
C ASP B 230 17.62 57.61 32.75
N TYR B 231 18.89 57.64 32.36
CA TYR B 231 19.48 56.52 31.65
C TYR B 231 20.38 55.57 32.44
N GLN B 232 20.94 54.61 31.71
CA GLN B 232 21.85 53.59 32.24
C GLN B 232 22.60 53.04 31.04
N ILE B 233 23.91 53.20 31.03
CA ILE B 233 24.72 52.71 29.92
C ILE B 233 25.50 51.45 30.27
N GLY B 234 26.25 50.95 29.29
CA GLY B 234 27.03 49.75 29.48
C GLY B 234 27.40 49.17 28.14
N TYR B 235 28.03 48.00 28.14
CA TYR B 235 28.37 47.34 26.90
C TYR B 235 27.76 45.94 26.96
N VAL B 236 27.42 45.38 25.80
CA VAL B 236 26.84 44.04 25.80
C VAL B 236 27.89 43.07 26.33
N CYS B 237 27.67 42.58 27.56
CA CYS B 237 28.59 41.65 28.23
C CYS B 237 29.17 40.58 27.30
N SER B 238 28.32 39.62 26.93
CA SER B 238 28.67 38.49 26.07
C SER B 238 29.99 38.57 25.28
N GLY B 239 30.70 37.43 25.25
CA GLY B 239 31.95 37.36 24.53
C GLY B 239 31.67 37.26 23.04
N VAL B 240 30.41 37.04 22.69
CA VAL B 240 30.00 36.94 21.30
C VAL B 240 29.87 38.36 20.75
N PHE B 241 31.01 38.96 20.42
CA PHE B 241 31.09 40.33 19.90
C PHE B 241 30.21 40.51 18.68
N GLY B 242 29.33 41.52 18.73
CA GLY B 242 28.42 41.77 17.64
C GLY B 242 28.75 42.93 16.70
N ASP B 243 29.98 43.39 16.69
CA ASP B 243 30.36 44.48 15.79
C ASP B 243 31.29 43.94 14.73
N ASN B 244 31.45 44.69 13.65
CA ASN B 244 32.35 44.28 12.58
C ASN B 244 33.04 45.54 12.07
N PRO B 245 34.39 45.53 12.02
CA PRO B 245 35.23 44.39 12.40
C PRO B 245 35.25 44.07 13.89
N ARG B 246 35.88 42.94 14.23
CA ARG B 246 35.99 42.46 15.60
C ARG B 246 37.06 41.34 15.70
N PRO B 247 37.43 40.92 16.93
CA PRO B 247 38.42 39.85 17.10
C PRO B 247 37.63 38.56 17.30
N MET B 248 38.29 37.45 17.63
CA MET B 248 37.55 36.22 17.87
C MET B 248 36.72 36.45 19.14
N ASP B 249 35.83 35.53 19.47
CA ASP B 249 34.97 35.73 20.64
C ASP B 249 35.55 36.12 22.00
N SER B 250 36.63 35.51 22.46
CA SER B 250 37.22 35.92 23.75
C SER B 250 36.23 36.14 24.89
N THR B 251 36.73 36.74 25.96
CA THR B 251 35.95 37.07 27.15
C THR B 251 35.58 38.55 26.97
N GLY B 252 34.29 38.85 27.05
CA GLY B 252 33.87 40.23 26.88
C GLY B 252 33.96 41.12 28.11
N SER B 253 33.24 42.24 28.04
CA SER B 253 33.18 43.22 29.13
C SER B 253 31.81 43.87 29.15
N CYS B 254 31.19 43.92 30.32
CA CYS B 254 29.87 44.52 30.45
C CYS B 254 29.93 46.04 30.59
N ASN B 255 31.12 46.59 30.77
CA ASN B 255 31.23 48.02 30.98
C ASN B 255 32.34 48.75 30.25
N SER B 256 32.95 48.12 29.26
CA SER B 256 34.02 48.81 28.55
C SER B 256 34.25 48.30 27.15
N PRO B 257 34.84 49.15 26.28
CA PRO B 257 35.12 48.75 24.91
C PRO B 257 36.24 47.72 24.80
N ILE B 258 35.93 46.58 24.19
CA ILE B 258 36.95 45.57 23.99
C ILE B 258 37.47 45.75 22.58
N ASN B 259 38.70 46.24 22.50
CA ASN B 259 39.35 46.52 21.24
C ASN B 259 40.04 45.29 20.68
N ASN B 260 41.02 44.80 21.45
CA ASN B 260 41.85 43.68 21.07
C ASN B 260 42.70 44.22 19.93
N GLY B 261 42.11 44.44 18.76
CA GLY B 261 42.89 44.98 17.68
C GLY B 261 42.00 45.39 16.53
N LYS B 262 40.71 45.11 16.70
CA LYS B 262 39.71 45.37 15.68
C LYS B 262 38.60 46.29 16.16
N GLY B 263 38.72 46.76 17.40
CA GLY B 263 37.70 47.62 17.98
C GLY B 263 37.38 48.87 17.21
N ARG B 264 38.40 49.50 16.62
CA ARG B 264 38.25 50.74 15.89
C ARG B 264 36.93 50.98 15.16
N TYR B 265 36.95 50.89 13.82
CA TYR B 265 35.77 51.15 13.01
C TYR B 265 34.48 50.41 13.38
N GLY B 266 33.71 49.98 12.39
CA GLY B 266 32.49 49.25 12.71
C GLY B 266 31.36 49.34 11.71
N VAL B 267 30.19 48.90 12.14
CA VAL B 267 28.99 48.90 11.31
C VAL B 267 27.76 48.98 12.22
N LYS B 268 26.67 49.51 11.69
CA LYS B 268 25.45 49.63 12.48
C LYS B 268 24.88 48.24 12.74
N GLY B 269 24.60 47.95 14.00
CA GLY B 269 24.04 46.64 14.34
C GLY B 269 22.94 46.78 15.37
N PHE B 270 22.47 45.65 15.88
CA PHE B 270 21.40 45.66 16.86
C PHE B 270 21.49 44.38 17.69
N SER B 271 20.60 44.27 18.67
CA SER B 271 20.52 43.13 19.56
C SER B 271 19.27 43.29 20.42
N PHE B 272 18.68 42.18 20.83
CA PHE B 272 17.51 42.23 21.67
C PHE B 272 17.81 41.58 23.00
N ARG B 273 17.41 42.24 24.08
CA ARG B 273 17.65 41.66 25.38
C ARG B 273 16.41 40.93 25.87
N TYR B 274 16.64 39.79 26.51
CA TYR B 274 15.58 38.97 27.09
C TYR B 274 16.05 38.49 28.47
N GLY B 275 15.87 39.33 29.48
CA GLY B 275 16.31 38.97 30.82
C GLY B 275 17.82 38.99 30.81
N ASP B 276 18.44 37.89 31.22
CA ASP B 276 19.90 37.77 31.22
C ASP B 276 20.39 37.44 29.82
N GLY B 277 19.45 36.99 29.00
CA GLY B 277 19.76 36.60 27.63
C GLY B 277 19.75 37.73 26.61
N VAL B 278 20.34 37.45 25.45
CA VAL B 278 20.43 38.43 24.37
C VAL B 278 20.51 37.76 22.99
N TRP B 279 19.74 38.28 22.05
CA TRP B 279 19.77 37.77 20.68
C TRP B 279 20.74 38.68 19.93
N ILE B 280 21.86 38.12 19.50
CA ILE B 280 22.88 38.88 18.78
C ILE B 280 22.87 38.65 17.27
N GLY B 281 22.80 39.74 16.51
CA GLY B 281 22.82 39.65 15.06
C GLY B 281 24.10 40.25 14.57
N ARG B 282 24.97 39.44 13.95
CA ARG B 282 26.25 39.92 13.47
C ARG B 282 26.68 39.27 12.15
N THR B 283 27.70 39.86 11.53
CA THR B 283 28.24 39.34 10.28
C THR B 283 29.00 38.07 10.62
N LYS B 284 29.15 37.18 9.65
CA LYS B 284 29.88 35.94 9.88
C LYS B 284 31.38 36.19 9.76
N SER B 285 31.76 37.17 8.94
CA SER B 285 33.16 37.49 8.77
C SER B 285 33.63 38.42 9.88
N LEU B 286 34.85 38.22 10.32
CA LEU B 286 35.44 39.03 11.39
C LEU B 286 35.97 40.37 10.89
N GLU B 287 36.32 40.46 9.61
CA GLU B 287 36.87 41.69 9.06
C GLU B 287 35.92 42.46 8.13
N SER B 288 35.20 41.75 7.27
CA SER B 288 34.32 42.43 6.32
C SER B 288 32.83 42.26 6.50
N ARG B 289 32.08 43.18 5.91
CA ARG B 289 30.63 43.17 5.98
C ARG B 289 30.04 42.11 5.05
N SER B 290 30.16 40.86 5.48
CA SER B 290 29.64 39.74 4.69
C SER B 290 29.00 38.73 5.62
N GLY B 291 27.92 38.10 5.17
CA GLY B 291 27.23 37.12 5.99
C GLY B 291 26.49 37.75 7.14
N PHE B 292 25.55 37.01 7.71
CA PHE B 292 24.77 37.52 8.83
C PHE B 292 24.08 36.37 9.53
N GLU B 293 24.12 36.36 10.85
CA GLU B 293 23.49 35.30 11.63
C GLU B 293 22.90 35.83 12.93
N MET B 294 21.93 35.09 13.46
CA MET B 294 21.29 35.45 14.71
C MET B 294 21.78 34.45 15.74
N VAL B 295 22.28 34.99 16.85
CA VAL B 295 22.81 34.16 17.92
C VAL B 295 22.07 34.35 19.24
N TRP B 296 21.75 33.25 19.89
CA TRP B 296 21.08 33.27 21.18
C TRP B 296 22.11 32.89 22.27
N ASP B 297 22.23 33.71 23.32
CA ASP B 297 23.19 33.50 24.44
C ASP B 297 22.38 33.76 25.70
N ALA B 298 21.86 32.71 26.32
CA ALA B 298 21.03 32.83 27.52
C ALA B 298 21.59 33.75 28.64
N ASN B 299 22.87 34.10 28.54
CA ASN B 299 23.55 34.98 29.50
C ASN B 299 23.92 36.33 28.93
N GLY B 300 24.16 36.36 27.61
CA GLY B 300 24.56 37.56 26.91
C GLY B 300 24.52 38.91 27.62
N TRP B 301 23.44 39.17 28.34
CA TRP B 301 23.30 40.44 29.01
C TRP B 301 23.94 40.53 30.38
N VAL B 302 24.17 39.39 31.01
CA VAL B 302 24.77 39.36 32.33
C VAL B 302 26.15 38.71 32.43
N SER B 303 26.50 37.87 31.45
CA SER B 303 27.80 37.17 31.48
C SER B 303 28.78 37.57 30.39
N THR B 304 30.01 37.08 30.50
CA THR B 304 31.02 37.37 29.49
C THR B 304 31.48 36.12 28.67
N ASP B 305 30.73 35.01 28.74
CA ASP B 305 31.04 33.78 27.98
C ASP B 305 31.07 34.02 26.48
N LYS B 306 31.87 33.23 25.77
CA LYS B 306 31.88 33.30 24.32
C LYS B 306 30.92 32.15 24.01
N ASP B 307 30.17 31.74 25.04
CA ASP B 307 29.23 30.61 24.94
C ASP B 307 27.78 31.01 24.68
N SER B 308 27.29 30.57 23.52
CA SER B 308 25.94 30.84 23.04
C SER B 308 25.07 29.58 23.02
N ASN B 309 23.83 29.72 22.55
CA ASN B 309 22.89 28.61 22.51
C ASN B 309 22.04 28.53 21.25
N GLY B 310 22.67 28.41 20.09
CA GLY B 310 21.92 28.32 18.86
C GLY B 310 22.18 29.49 17.95
N VAL B 311 22.45 29.20 16.68
CA VAL B 311 22.73 30.23 15.69
C VAL B 311 21.93 30.03 14.40
N GLN B 312 21.03 30.96 14.11
CA GLN B 312 20.25 30.87 12.89
C GLN B 312 20.99 31.66 11.81
N ASP B 313 21.28 30.98 10.71
CA ASP B 313 21.98 31.61 9.60
C ASP B 313 20.99 32.47 8.81
N ILE B 314 21.45 33.63 8.37
CA ILE B 314 20.62 34.55 7.61
C ILE B 314 21.19 34.76 6.20
N ILE B 315 22.47 35.07 6.15
CA ILE B 315 23.20 35.29 4.90
C ILE B 315 24.52 34.54 5.07
N ASP B 316 24.87 33.71 4.10
CA ASP B 316 26.13 32.96 4.22
C ASP B 316 27.33 33.88 3.98
N ASN B 317 28.49 33.47 4.49
CA ASN B 317 29.70 34.25 4.38
C ASN B 317 30.19 34.56 2.97
N ASP B 318 29.70 33.85 1.97
CA ASP B 318 30.11 34.12 0.59
C ASP B 318 29.29 35.23 -0.04
N ASN B 319 28.51 35.94 0.78
CA ASN B 319 27.66 37.02 0.32
C ASN B 319 27.75 38.24 1.22
N TRP B 320 27.67 39.42 0.61
CA TRP B 320 27.75 40.68 1.34
C TRP B 320 26.58 40.99 2.27
N SER B 321 26.88 41.68 3.36
CA SER B 321 25.85 42.10 4.31
C SER B 321 26.02 43.61 4.49
N GLY B 322 26.03 44.07 5.73
CA GLY B 322 26.16 45.51 5.98
C GLY B 322 25.31 45.95 7.15
N TYR B 323 24.79 47.16 7.08
CA TYR B 323 23.96 47.70 8.15
C TYR B 323 22.81 46.77 8.50
N SER B 324 22.34 46.86 9.74
CA SER B 324 21.24 46.05 10.21
C SER B 324 20.70 46.78 11.41
N GLY B 325 19.40 46.70 11.63
CA GLY B 325 18.81 47.38 12.76
C GLY B 325 17.55 46.75 13.27
N SER B 326 17.08 47.29 14.38
CA SER B 326 15.87 46.80 14.99
C SER B 326 14.70 47.72 14.73
N PHE B 327 13.50 47.14 14.75
CA PHE B 327 12.24 47.86 14.59
C PHE B 327 11.30 46.86 15.22
N SER B 328 10.12 47.29 15.63
CA SER B 328 9.22 46.35 16.27
C SER B 328 7.74 46.62 16.08
N ILE B 329 6.98 45.54 15.89
CA ILE B 329 5.55 45.59 15.68
C ILE B 329 4.82 45.54 17.02
N ARG B 330 4.13 46.62 17.34
CA ARG B 330 3.42 46.73 18.61
C ARG B 330 2.18 45.86 18.76
N GLY B 331 1.74 45.72 20.02
CA GLY B 331 0.58 44.91 20.32
C GLY B 331 -0.73 45.50 19.81
N GLU B 332 -0.72 46.79 19.51
CA GLU B 332 -1.92 47.45 19.00
C GLU B 332 -2.21 46.89 17.60
N THR B 333 -1.16 46.63 16.83
CA THR B 333 -1.27 46.08 15.49
C THR B 333 -1.62 44.60 15.61
N THR B 334 -0.96 43.95 16.55
CA THR B 334 -1.20 42.54 16.83
C THR B 334 -2.33 42.53 17.84
N GLY B 335 -2.55 41.40 18.49
CA GLY B 335 -3.59 41.36 19.51
C GLY B 335 -2.90 40.95 20.80
N ARG B 336 -1.58 40.81 20.70
CA ARG B 336 -0.75 40.39 21.80
C ARG B 336 -0.51 41.44 22.87
N ASN B 337 0.05 40.96 23.97
CA ASN B 337 0.37 41.76 25.15
C ASN B 337 1.88 41.88 25.26
N CYS B 338 2.53 41.87 24.10
CA CYS B 338 3.98 41.95 24.01
C CYS B 338 4.39 42.57 22.67
N THR B 339 5.58 43.13 22.60
CA THR B 339 6.05 43.73 21.36
C THR B 339 6.79 42.69 20.54
N VAL B 340 6.56 42.68 19.23
CA VAL B 340 7.23 41.73 18.36
C VAL B 340 8.53 42.31 17.81
N PRO B 341 9.68 41.75 18.22
CA PRO B 341 10.98 42.23 17.76
C PRO B 341 11.22 41.81 16.31
N CYS B 342 11.71 42.72 15.50
CA CYS B 342 11.99 42.42 14.10
C CYS B 342 13.30 43.10 13.75
N PHE B 343 13.83 42.80 12.57
CA PHE B 343 15.07 43.43 12.14
C PHE B 343 15.24 43.40 10.64
N TRP B 344 16.14 44.26 10.15
CA TRP B 344 16.42 44.36 8.73
C TRP B 344 17.92 44.35 8.50
N VAL B 345 18.34 43.77 7.39
CA VAL B 345 19.75 43.71 7.07
C VAL B 345 20.00 44.37 5.73
N GLU B 346 20.92 45.33 5.73
CA GLU B 346 21.31 46.02 4.50
C GLU B 346 22.40 45.16 3.86
N MET B 347 22.27 44.91 2.57
CA MET B 347 23.25 44.11 1.85
C MET B 347 23.93 45.03 0.84
N ILE B 348 25.06 45.59 1.25
CA ILE B 348 25.81 46.52 0.43
C ILE B 348 26.50 45.91 -0.79
N ARG B 349 26.21 46.46 -1.96
CA ARG B 349 26.82 45.98 -3.19
C ARG B 349 27.61 47.10 -3.88
N GLY B 350 28.65 46.73 -4.61
CA GLY B 350 29.45 47.73 -5.30
C GLY B 350 30.73 48.11 -4.58
N GLN B 351 31.08 49.39 -4.60
CA GLN B 351 32.29 49.84 -3.94
C GLN B 351 32.13 49.83 -2.43
N PRO B 352 33.24 49.63 -1.69
CA PRO B 352 34.60 49.46 -2.19
C PRO B 352 34.97 48.01 -2.53
N LYS B 353 34.18 47.06 -2.03
CA LYS B 353 34.46 45.66 -2.28
C LYS B 353 34.45 45.33 -3.77
N GLU B 354 33.28 45.39 -4.39
CA GLU B 354 33.12 45.08 -5.80
C GLU B 354 33.60 46.19 -6.75
N LYS B 355 33.78 45.84 -8.03
CA LYS B 355 34.26 46.78 -9.04
C LYS B 355 33.16 47.52 -9.80
N THR B 356 32.73 48.65 -9.26
CA THR B 356 31.69 49.46 -9.88
C THR B 356 31.96 50.92 -9.57
N ILE B 357 31.21 51.82 -10.17
CA ILE B 357 31.41 53.25 -9.90
C ILE B 357 30.40 53.66 -8.84
N TRP B 358 29.49 52.74 -8.50
CA TRP B 358 28.45 53.00 -7.52
C TRP B 358 28.47 52.09 -6.31
N THR B 359 27.58 52.38 -5.36
CA THR B 359 27.43 51.62 -4.12
C THR B 359 26.00 51.81 -3.62
N SER B 360 25.24 50.71 -3.56
CA SER B 360 23.88 50.78 -3.07
C SER B 360 23.61 49.57 -2.19
N GLY B 361 22.38 49.47 -1.67
CA GLY B 361 22.05 48.35 -0.82
C GLY B 361 20.67 47.79 -1.12
N SER B 362 20.43 46.57 -0.66
CA SER B 362 19.15 45.88 -0.83
C SER B 362 18.73 45.46 0.58
N SER B 363 17.54 44.92 0.76
CA SER B 363 17.16 44.56 2.13
C SER B 363 16.26 43.35 2.29
N ILE B 364 16.35 42.78 3.49
CA ILE B 364 15.56 41.63 3.88
C ILE B 364 15.22 41.93 5.32
N ALA B 365 14.08 41.46 5.80
CA ALA B 365 13.69 41.71 7.16
C ALA B 365 13.01 40.49 7.74
N PHE B 366 13.27 40.23 9.01
CA PHE B 366 12.69 39.08 9.70
C PHE B 366 12.02 39.56 10.96
N CYS B 367 11.15 38.73 11.52
CA CYS B 367 10.48 39.08 12.77
C CYS B 367 10.52 37.95 13.78
N GLY B 368 10.35 38.34 15.04
CA GLY B 368 10.36 37.43 16.18
C GLY B 368 9.85 36.02 15.96
N VAL B 369 8.57 35.78 16.20
CA VAL B 369 7.99 34.44 16.03
C VAL B 369 8.47 33.42 17.09
N ASN B 370 7.51 32.83 17.80
CA ASN B 370 7.79 31.82 18.81
C ASN B 370 7.19 30.53 18.30
N SER B 371 7.66 30.11 17.12
CA SER B 371 7.23 28.90 16.44
C SER B 371 8.43 28.46 15.63
N ASP B 372 8.27 27.44 14.79
CA ASP B 372 9.39 26.93 13.98
C ASP B 372 9.90 27.89 12.93
N THR B 373 11.22 27.92 12.74
CA THR B 373 11.86 28.79 11.75
C THR B 373 12.92 28.02 10.98
N THR B 374 13.74 28.75 10.21
CA THR B 374 14.80 28.12 9.42
C THR B 374 15.89 29.11 9.10
N GLY B 375 17.12 28.64 9.10
CA GLY B 375 18.22 29.50 8.72
C GLY B 375 18.36 29.26 7.23
N TRP B 376 19.19 30.04 6.55
CA TRP B 376 19.41 29.85 5.12
C TRP B 376 20.31 30.98 4.63
N SER B 377 20.03 31.49 3.44
CA SER B 377 20.80 32.60 2.92
C SER B 377 19.94 33.29 1.88
N TRP B 378 19.49 34.48 2.22
CA TRP B 378 18.66 35.29 1.33
C TRP B 378 19.48 36.51 0.94
N PRO B 379 20.56 36.33 0.16
CA PRO B 379 21.45 37.41 -0.28
C PRO B 379 20.82 38.41 -1.26
N ASP B 380 21.65 39.35 -1.72
CA ASP B 380 21.19 40.38 -2.65
C ASP B 380 20.84 39.80 -4.01
N GLY B 381 21.68 38.88 -4.49
CA GLY B 381 21.43 38.23 -5.77
C GLY B 381 21.64 39.04 -7.04
N ALA B 382 22.10 40.27 -6.92
CA ALA B 382 22.33 41.07 -8.12
C ALA B 382 23.65 40.64 -8.75
N LEU B 383 23.70 40.68 -10.08
CA LEU B 383 24.90 40.29 -10.81
C LEU B 383 25.71 41.49 -11.25
N LEU B 384 26.87 41.67 -10.62
CA LEU B 384 27.75 42.80 -10.96
C LEU B 384 28.93 42.38 -11.82
N PRO B 385 29.52 43.34 -12.53
CA PRO B 385 29.09 44.74 -12.51
C PRO B 385 27.91 44.95 -13.46
N PHE B 386 27.26 46.10 -13.35
CA PHE B 386 26.13 46.44 -14.21
C PHE B 386 26.66 47.17 -15.43
N ASP B 387 25.80 47.84 -16.18
CA ASP B 387 26.26 48.61 -17.32
C ASP B 387 26.81 49.85 -16.60
N ILE B 388 27.78 49.61 -15.72
CA ILE B 388 28.38 50.63 -14.88
C ILE B 388 28.43 52.02 -15.51
C1 NAG C . -42.82 -41.09 -27.83
C2 NAG C . -44.28 -41.20 -28.24
C3 NAG C . -44.39 -41.41 -29.76
C4 NAG C . -43.58 -40.38 -30.62
C5 NAG C . -42.15 -40.28 -30.02
C6 NAG C . -41.14 -39.32 -30.63
C7 NAG C . -45.89 -41.80 -26.59
C8 NAG C . -46.53 -42.94 -25.76
N2 NAG C . -44.97 -42.20 -27.47
O1 NAG C . -42.12 -42.29 -27.98
O3 NAG C . -45.73 -41.45 -30.16
O4 NAG C . -43.44 -40.82 -31.97
O5 NAG C . -42.18 -40.03 -28.60
O6 NAG C . -41.35 -37.99 -30.22
O7 NAG C . -46.20 -40.62 -26.38
CA CA D . -15.79 -54.73 -26.60
C1 NAG E . 33.53 57.95 -12.55
C2 NAG E . 33.88 57.62 -14.02
C3 NAG E . 35.40 57.62 -14.24
C4 NAG E . 36.06 58.86 -13.65
C5 NAG E . 35.58 59.08 -12.20
C6 NAG E . 36.13 60.37 -11.57
C7 NAG E . 32.24 56.23 -15.11
C8 NAG E . 31.91 54.84 -15.65
N2 NAG E . 33.35 56.31 -14.37
O1 NAG E . 34.00 56.95 -11.70
O3 NAG E . 35.65 57.60 -15.65
O4 NAG E . 37.49 58.71 -13.68
O5 NAG E . 34.13 59.18 -12.17
O6 NAG E . 35.11 61.35 -11.45
O7 NAG E . 31.51 57.20 -15.36
CA CA F . 33.96 49.22 16.57
#